data_1RO9
#
_entry.id   1RO9
#
_cell.length_a   104.332
_cell.length_b   159.211
_cell.length_c   108.651
_cell.angle_alpha   90.00
_cell.angle_beta   90.00
_cell.angle_gamma   90.00
#
_symmetry.space_group_name_H-M   'C 2 2 21'
#
loop_
_entity.id
_entity.type
_entity.pdbx_description
1 polymer "cAMP-specific 3',5'-cyclic phosphodiesterase 4B"
2 non-polymer 'ZINC ION'
3 non-polymer "8-BROMO-ADENOSINE-5'-MONOPHOSPHATE"
4 water water
#
_entity_poly.entity_id   1
_entity_poly.type   'polypeptide(L)'
_entity_poly.pdbx_seq_one_letter_code
;MSISRFGVNTENEDHLAKELEDLNKWGLNIFNVAGYSHNRPLTCIMYAIFQERDLLKTFRISSDTFITYMMTLEDHYHSD
VAYHNSLHAADVAQSTHVLLSTPALDAVFTDLEILAAIFAAAIHDVDHPGVSNQFLINTNSELALMYNDESVLENHHLAV
GFKLLQEEHCDIFMNLTKKQRQTLRKMVIDMVLATDMSKHMSLLADLKTMVETKKVTSSGVLLLDNYTDRIQVLRNMVHC
ADLSNPTKSLELYRQWTDRIMEEFFQQGDKERERGMEISPMCDKHTASVEKSQVGFIDYIVHPLWETWADLVQPDAQDIL
DTLEDNRNWYQSMIPQAPAPPLDEQNRDCQGLMEKFQFELTLDEEDSEGPEKEGEGHS
;
_entity_poly.pdbx_strand_id   A,B
#
loop_
_chem_comp.id
_chem_comp.type
_chem_comp.name
_chem_comp.formula
8BR non-polymer 8-BROMO-ADENOSINE-5'-MONOPHOSPHATE 'C10 H13 Br N5 O7 P'
ZN non-polymer 'ZINC ION' 'Zn 2'
#
# COMPACT_ATOMS: atom_id res chain seq x y z
N SER A 2 -21.53 -17.86 -13.75
CA SER A 2 -21.43 -18.18 -15.20
C SER A 2 -20.97 -16.97 -15.98
N ILE A 3 -19.68 -16.97 -16.31
CA ILE A 3 -19.02 -15.91 -17.05
C ILE A 3 -19.81 -15.45 -18.28
N SER A 4 -20.56 -16.36 -18.89
CA SER A 4 -21.33 -16.06 -20.09
C SER A 4 -22.48 -15.08 -19.87
N ARG A 5 -23.17 -15.19 -18.73
CA ARG A 5 -24.26 -14.28 -18.41
C ARG A 5 -23.64 -12.88 -18.23
N PHE A 6 -22.37 -12.87 -17.86
CA PHE A 6 -21.63 -11.63 -17.63
C PHE A 6 -21.08 -11.02 -18.92
N GLY A 7 -21.12 -11.80 -19.99
CA GLY A 7 -20.61 -11.32 -21.27
C GLY A 7 -19.12 -11.00 -21.24
N VAL A 8 -18.41 -11.60 -20.29
CA VAL A 8 -16.97 -11.37 -20.15
C VAL A 8 -16.17 -12.44 -20.90
N ASN A 9 -15.13 -12.02 -21.61
CA ASN A 9 -14.30 -12.97 -22.34
C ASN A 9 -13.18 -13.46 -21.41
N THR A 10 -12.40 -14.43 -21.87
CA THR A 10 -11.33 -14.95 -21.02
C THR A 10 -10.28 -13.93 -20.59
N GLU A 11 -10.01 -12.93 -21.42
CA GLU A 11 -8.99 -11.95 -21.05
C GLU A 11 -9.41 -11.09 -19.87
N ASN A 12 -10.67 -10.64 -19.87
CA ASN A 12 -11.14 -9.81 -18.77
C ASN A 12 -11.47 -10.70 -17.59
N GLU A 13 -11.73 -11.97 -17.87
CA GLU A 13 -12.01 -12.93 -16.82
C GLU A 13 -10.71 -13.11 -16.05
N ASP A 14 -9.60 -13.11 -16.78
CA ASP A 14 -8.28 -13.25 -16.16
C ASP A 14 -7.97 -11.97 -15.35
N HIS A 15 -8.35 -10.81 -15.87
CA HIS A 15 -8.14 -9.56 -15.15
C HIS A 15 -8.95 -9.60 -13.88
N LEU A 16 -10.21 -10.02 -14.03
CA LEU A 16 -11.11 -10.12 -12.90
C LEU A 16 -10.58 -11.06 -11.84
N ALA A 17 -10.04 -12.20 -12.28
CA ALA A 17 -9.50 -13.17 -11.36
C ALA A 17 -8.43 -12.51 -10.50
N LYS A 18 -7.59 -11.70 -11.14
CA LYS A 18 -6.54 -11.03 -10.41
C LYS A 18 -7.12 -10.06 -9.38
N GLU A 19 -8.14 -9.29 -9.79
CA GLU A 19 -8.76 -8.34 -8.89
C GLU A 19 -9.43 -9.05 -7.72
N LEU A 20 -10.17 -10.12 -8.01
CA LEU A 20 -10.89 -10.85 -6.98
C LEU A 20 -10.00 -11.59 -5.96
N GLU A 21 -8.68 -11.50 -6.12
CA GLU A 21 -7.79 -12.13 -5.16
C GLU A 21 -8.00 -11.37 -3.85
N ASP A 22 -8.44 -10.12 -3.97
CA ASP A 22 -8.68 -9.28 -2.80
C ASP A 22 -10.11 -9.33 -2.30
N LEU A 23 -10.90 -10.26 -2.83
CA LEU A 23 -12.31 -10.37 -2.44
C LEU A 23 -12.57 -10.20 -0.94
N ASN A 24 -11.70 -10.76 -0.11
CA ASN A 24 -11.91 -10.69 1.32
C ASN A 24 -11.08 -9.60 1.99
N LYS A 25 -10.54 -8.70 1.17
CA LYS A 25 -9.70 -7.61 1.69
C LYS A 25 -10.32 -6.22 1.54
N TRP A 26 -9.99 -5.35 2.49
CA TRP A 26 -10.47 -3.96 2.51
C TRP A 26 -9.88 -3.23 1.30
N GLY A 27 -8.74 -3.72 0.84
CA GLY A 27 -8.06 -3.12 -0.28
C GLY A 27 -8.58 -3.50 -1.67
N LEU A 28 -9.64 -4.28 -1.73
CA LEU A 28 -10.21 -4.65 -3.02
C LEU A 28 -10.52 -3.35 -3.77
N ASN A 29 -10.32 -3.33 -5.08
CA ASN A 29 -10.60 -2.15 -5.88
C ASN A 29 -11.86 -2.41 -6.71
N ILE A 30 -13.01 -1.98 -6.20
CA ILE A 30 -14.27 -2.21 -6.89
C ILE A 30 -14.37 -1.45 -8.23
N PHE A 31 -13.58 -0.39 -8.40
CA PHE A 31 -13.58 0.35 -9.65
C PHE A 31 -13.00 -0.55 -10.76
N ASN A 32 -11.92 -1.28 -10.44
CA ASN A 32 -11.32 -2.15 -11.43
C ASN A 32 -12.29 -3.29 -11.75
N VAL A 33 -12.96 -3.78 -10.71
CA VAL A 33 -13.94 -4.84 -10.86
C VAL A 33 -14.99 -4.43 -11.88
N ALA A 34 -15.57 -3.24 -11.70
CA ALA A 34 -16.58 -2.74 -12.63
C ALA A 34 -15.97 -2.66 -14.02
N GLY A 35 -14.73 -2.20 -14.08
CA GLY A 35 -14.05 -2.05 -15.35
C GLY A 35 -13.89 -3.33 -16.16
N TYR A 36 -13.80 -4.47 -15.47
CA TYR A 36 -13.63 -5.75 -16.17
C TYR A 36 -14.91 -6.57 -16.23
N SER A 37 -16.02 -6.02 -15.77
CA SER A 37 -17.26 -6.78 -15.78
C SER A 37 -18.41 -6.11 -16.52
N HIS A 38 -18.06 -5.28 -17.51
CA HIS A 38 -19.05 -4.55 -18.30
C HIS A 38 -19.92 -3.72 -17.37
N ASN A 39 -19.26 -3.15 -16.36
CA ASN A 39 -19.90 -2.30 -15.37
C ASN A 39 -21.05 -2.97 -14.64
N ARG A 40 -20.83 -4.22 -14.22
CA ARG A 40 -21.83 -4.92 -13.45
C ARG A 40 -21.11 -5.36 -12.17
N PRO A 41 -20.49 -4.39 -11.46
CA PRO A 41 -19.74 -4.64 -10.23
C PRO A 41 -20.54 -5.24 -9.12
N LEU A 42 -21.80 -4.85 -9.01
CA LEU A 42 -22.65 -5.37 -7.94
C LEU A 42 -22.97 -6.85 -8.14
N THR A 43 -23.30 -7.24 -9.37
CA THR A 43 -23.62 -8.65 -9.63
C THR A 43 -22.35 -9.48 -9.53
N CYS A 44 -21.27 -8.99 -10.13
CA CYS A 44 -20.00 -9.70 -10.09
C CYS A 44 -19.54 -9.93 -8.65
N ILE A 45 -19.41 -8.84 -7.90
CA ILE A 45 -18.95 -8.97 -6.53
C ILE A 45 -19.89 -9.81 -5.69
N MET A 46 -21.20 -9.64 -5.88
CA MET A 46 -22.15 -10.42 -5.11
C MET A 46 -22.06 -11.91 -5.45
N TYR A 47 -21.84 -12.23 -6.72
CA TYR A 47 -21.72 -13.63 -7.11
C TYR A 47 -20.45 -14.19 -6.45
N ALA A 48 -19.36 -13.43 -6.52
CA ALA A 48 -18.11 -13.87 -5.91
C ALA A 48 -18.29 -14.08 -4.41
N ILE A 49 -18.99 -13.16 -3.77
CA ILE A 49 -19.23 -13.26 -2.34
C ILE A 49 -20.07 -14.48 -1.98
N PHE A 50 -21.17 -14.70 -2.71
CA PHE A 50 -22.01 -15.83 -2.41
C PHE A 50 -21.30 -17.17 -2.64
N GLN A 51 -20.44 -17.24 -3.65
CA GLN A 51 -19.69 -18.47 -3.91
C GLN A 51 -18.68 -18.69 -2.80
N GLU A 52 -17.97 -17.62 -2.46
CA GLU A 52 -16.97 -17.63 -1.41
C GLU A 52 -17.57 -18.12 -0.09
N ARG A 53 -18.79 -17.69 0.22
CA ARG A 53 -19.45 -18.10 1.45
C ARG A 53 -20.41 -19.26 1.29
N ASP A 54 -20.39 -19.90 0.14
CA ASP A 54 -21.29 -21.02 -0.14
C ASP A 54 -22.75 -20.73 0.19
N LEU A 55 -23.14 -19.46 0.09
CA LEU A 55 -24.51 -19.09 0.39
C LEU A 55 -25.49 -19.67 -0.64
N LEU A 56 -25.04 -19.86 -1.87
CA LEU A 56 -25.91 -20.42 -2.90
C LEU A 56 -26.26 -21.87 -2.56
N LYS A 57 -25.27 -22.61 -2.08
CA LYS A 57 -25.47 -24.01 -1.70
C LYS A 57 -26.34 -24.06 -0.46
N THR A 58 -25.95 -23.30 0.56
CA THR A 58 -26.69 -23.27 1.82
C THR A 58 -28.18 -22.96 1.67
N PHE A 59 -28.51 -21.95 0.85
CA PHE A 59 -29.91 -21.57 0.73
C PHE A 59 -30.59 -22.06 -0.54
N ARG A 60 -29.90 -22.95 -1.25
CA ARG A 60 -30.43 -23.53 -2.46
C ARG A 60 -30.85 -22.47 -3.46
N ILE A 61 -29.91 -21.59 -3.76
CA ILE A 61 -30.17 -20.54 -4.73
C ILE A 61 -29.37 -20.94 -5.95
N SER A 62 -30.05 -21.24 -7.05
CA SER A 62 -29.31 -21.61 -8.25
C SER A 62 -28.56 -20.38 -8.78
N SER A 63 -27.51 -20.62 -9.54
CA SER A 63 -26.74 -19.53 -10.13
C SER A 63 -27.64 -18.74 -11.07
N ASP A 64 -28.55 -19.44 -11.73
CA ASP A 64 -29.46 -18.80 -12.67
C ASP A 64 -30.33 -17.77 -11.96
N THR A 65 -31.05 -18.20 -10.92
CA THR A 65 -31.91 -17.30 -10.16
C THR A 65 -31.09 -16.14 -9.57
N PHE A 66 -29.96 -16.46 -8.95
CA PHE A 66 -29.13 -15.43 -8.35
C PHE A 66 -28.69 -14.36 -9.36
N ILE A 67 -28.07 -14.78 -10.46
CA ILE A 67 -27.60 -13.84 -11.47
C ILE A 67 -28.76 -13.05 -12.09
N THR A 68 -29.88 -13.72 -12.33
CA THR A 68 -31.03 -13.05 -12.90
C THR A 68 -31.50 -11.93 -11.96
N TYR A 69 -31.72 -12.27 -10.70
CA TYR A 69 -32.15 -11.27 -9.72
C TYR A 69 -31.13 -10.15 -9.57
N MET A 70 -29.87 -10.51 -9.36
CA MET A 70 -28.82 -9.51 -9.19
C MET A 70 -28.70 -8.54 -10.37
N MET A 71 -28.71 -9.06 -11.59
CA MET A 71 -28.62 -8.21 -12.77
C MET A 71 -29.83 -7.29 -12.89
N THR A 72 -30.98 -7.77 -12.42
CA THR A 72 -32.21 -6.98 -12.44
C THR A 72 -32.11 -5.88 -11.37
N LEU A 73 -31.67 -6.26 -10.18
CA LEU A 73 -31.50 -5.30 -9.09
C LEU A 73 -30.48 -4.23 -9.49
N GLU A 74 -29.33 -4.67 -9.97
CA GLU A 74 -28.27 -3.77 -10.37
C GLU A 74 -28.75 -2.79 -11.44
N ASP A 75 -29.68 -3.24 -12.26
CA ASP A 75 -30.17 -2.41 -13.33
C ASP A 75 -31.13 -1.34 -12.81
N HIS A 76 -31.59 -1.52 -11.58
CA HIS A 76 -32.47 -0.54 -10.98
C HIS A 76 -31.70 0.54 -10.20
N TYR A 77 -30.37 0.45 -10.23
CA TYR A 77 -29.52 1.48 -9.66
C TYR A 77 -29.34 2.39 -10.87
N HIS A 78 -29.24 3.69 -10.67
CA HIS A 78 -29.10 4.63 -11.79
C HIS A 78 -27.65 4.89 -12.13
N SER A 79 -27.22 4.44 -13.30
CA SER A 79 -25.84 4.63 -13.71
C SER A 79 -25.46 6.08 -13.95
N ASP A 80 -26.44 6.98 -14.03
CA ASP A 80 -26.13 8.39 -14.24
C ASP A 80 -26.11 9.20 -12.94
N VAL A 81 -26.38 8.53 -11.83
CA VAL A 81 -26.31 9.16 -10.51
C VAL A 81 -24.84 8.90 -10.16
N ALA A 82 -24.09 9.97 -9.92
CA ALA A 82 -22.65 9.89 -9.68
C ALA A 82 -22.13 9.05 -8.50
N TYR A 83 -22.85 9.03 -7.39
CA TYR A 83 -22.38 8.27 -6.23
C TYR A 83 -23.29 7.10 -5.87
N HIS A 84 -24.57 7.37 -5.67
CA HIS A 84 -25.49 6.31 -5.30
C HIS A 84 -25.93 5.42 -6.44
N ASN A 85 -24.96 4.76 -7.07
CA ASN A 85 -25.20 3.84 -8.16
C ASN A 85 -24.77 2.41 -7.74
N SER A 86 -24.76 1.46 -8.67
CA SER A 86 -24.42 0.08 -8.31
C SER A 86 -22.99 -0.09 -7.83
N LEU A 87 -22.11 0.79 -8.26
CA LEU A 87 -20.72 0.73 -7.83
C LEU A 87 -20.66 0.96 -6.32
N HIS A 88 -21.45 1.88 -5.81
CA HIS A 88 -21.47 2.16 -4.38
C HIS A 88 -22.11 0.97 -3.64
N ALA A 89 -23.18 0.41 -4.19
CA ALA A 89 -23.84 -0.73 -3.58
C ALA A 89 -22.87 -1.93 -3.52
N ALA A 90 -22.12 -2.12 -4.61
CA ALA A 90 -21.16 -3.22 -4.70
C ALA A 90 -20.08 -3.01 -3.63
N ASP A 91 -19.60 -1.79 -3.52
CA ASP A 91 -18.59 -1.45 -2.53
C ASP A 91 -19.11 -1.76 -1.13
N VAL A 92 -20.34 -1.34 -0.85
CA VAL A 92 -20.89 -1.56 0.48
C VAL A 92 -21.12 -3.05 0.75
N ALA A 93 -21.52 -3.80 -0.27
CA ALA A 93 -21.77 -5.23 -0.08
C ALA A 93 -20.44 -5.92 0.23
N GLN A 94 -19.41 -5.62 -0.55
CA GLN A 94 -18.10 -6.22 -0.33
C GLN A 94 -17.49 -5.79 1.01
N SER A 95 -17.69 -4.54 1.39
CA SER A 95 -17.15 -4.05 2.66
C SER A 95 -17.84 -4.77 3.81
N THR A 96 -19.14 -5.02 3.64
CA THR A 96 -19.93 -5.73 4.64
C THR A 96 -19.43 -7.17 4.72
N HIS A 97 -19.04 -7.70 3.57
CA HIS A 97 -18.53 -9.07 3.46
C HIS A 97 -17.24 -9.21 4.29
N VAL A 98 -16.36 -8.23 4.17
CA VAL A 98 -15.11 -8.25 4.91
C VAL A 98 -15.40 -8.07 6.41
N LEU A 99 -16.24 -7.10 6.76
CA LEU A 99 -16.58 -6.85 8.15
C LEU A 99 -17.19 -8.05 8.85
N LEU A 100 -17.98 -8.84 8.11
CA LEU A 100 -18.62 -10.02 8.68
C LEU A 100 -17.59 -11.05 9.15
N SER A 101 -16.45 -11.09 8.47
CA SER A 101 -15.39 -12.05 8.80
C SER A 101 -14.35 -11.50 9.76
N THR A 102 -14.67 -10.44 10.47
CA THR A 102 -13.71 -9.88 11.40
C THR A 102 -13.55 -10.90 12.54
N PRO A 103 -12.29 -11.21 12.92
CA PRO A 103 -11.99 -12.17 13.99
C PRO A 103 -12.93 -12.06 15.19
N ALA A 104 -13.12 -10.83 15.68
CA ALA A 104 -13.97 -10.59 16.83
C ALA A 104 -15.41 -11.08 16.68
N LEU A 105 -15.88 -11.29 15.45
CA LEU A 105 -17.25 -11.75 15.22
C LEU A 105 -17.37 -13.18 14.72
N ASP A 106 -16.25 -13.91 14.71
CA ASP A 106 -16.25 -15.29 14.24
C ASP A 106 -17.33 -16.13 14.93
N ALA A 107 -18.01 -16.97 14.13
CA ALA A 107 -19.05 -17.86 14.60
C ALA A 107 -20.22 -17.20 15.34
N VAL A 108 -20.28 -15.87 15.30
CA VAL A 108 -21.35 -15.18 15.99
C VAL A 108 -22.68 -15.18 15.24
N PHE A 109 -22.63 -14.98 13.93
CA PHE A 109 -23.85 -14.92 13.11
C PHE A 109 -24.24 -16.19 12.38
N THR A 110 -25.55 -16.44 12.31
CA THR A 110 -26.05 -17.60 11.58
C THR A 110 -25.87 -17.28 10.10
N ASP A 111 -26.11 -18.26 9.23
CA ASP A 111 -25.96 -18.04 7.80
C ASP A 111 -27.05 -17.13 7.26
N LEU A 112 -28.23 -17.20 7.86
CA LEU A 112 -29.34 -16.37 7.44
C LEU A 112 -29.03 -14.90 7.76
N GLU A 113 -28.37 -14.66 8.88
CA GLU A 113 -28.01 -13.31 9.27
C GLU A 113 -26.93 -12.80 8.33
N ILE A 114 -26.03 -13.69 7.92
CA ILE A 114 -24.97 -13.30 6.99
C ILE A 114 -25.61 -12.97 5.64
N LEU A 115 -26.59 -13.78 5.25
CA LEU A 115 -27.30 -13.57 4.00
C LEU A 115 -28.04 -12.23 4.05
N ALA A 116 -28.74 -11.99 5.16
CA ALA A 116 -29.50 -10.76 5.34
C ALA A 116 -28.64 -9.51 5.25
N ALA A 117 -27.50 -9.51 5.93
CA ALA A 117 -26.59 -8.36 5.94
C ALA A 117 -26.02 -8.00 4.57
N ILE A 118 -25.62 -9.02 3.81
CA ILE A 118 -25.07 -8.78 2.49
C ILE A 118 -26.18 -8.37 1.53
N PHE A 119 -27.36 -8.97 1.66
CA PHE A 119 -28.48 -8.62 0.81
C PHE A 119 -28.82 -7.15 1.10
N ALA A 120 -29.02 -6.83 2.37
CA ALA A 120 -29.34 -5.48 2.79
C ALA A 120 -28.38 -4.49 2.12
N ALA A 121 -27.09 -4.77 2.26
CA ALA A 121 -26.06 -3.92 1.68
C ALA A 121 -26.22 -3.75 0.16
N ALA A 122 -26.54 -4.84 -0.53
CA ALA A 122 -26.70 -4.82 -1.97
C ALA A 122 -27.89 -4.00 -2.48
N ILE A 123 -29.00 -4.07 -1.74
CA ILE A 123 -30.20 -3.35 -2.14
C ILE A 123 -30.42 -2.00 -1.47
N HIS A 124 -29.61 -1.67 -0.46
CA HIS A 124 -29.84 -0.46 0.34
C HIS A 124 -29.97 0.91 -0.33
N ASP A 125 -29.56 1.05 -1.58
CA ASP A 125 -29.68 2.33 -2.29
C ASP A 125 -30.30 2.14 -3.67
N VAL A 126 -30.97 1.00 -3.88
CA VAL A 126 -31.54 0.73 -5.19
C VAL A 126 -32.60 1.75 -5.61
N ASP A 127 -32.51 2.17 -6.86
CA ASP A 127 -33.41 3.16 -7.45
C ASP A 127 -33.26 4.53 -6.78
N HIS A 128 -32.05 4.83 -6.31
CA HIS A 128 -31.78 6.13 -5.70
C HIS A 128 -31.74 7.17 -6.83
N PRO A 129 -32.53 8.25 -6.71
CA PRO A 129 -32.60 9.31 -7.74
C PRO A 129 -31.46 10.31 -7.75
N GLY A 130 -30.52 10.19 -6.82
CA GLY A 130 -29.44 11.15 -6.81
C GLY A 130 -29.76 12.44 -6.07
N VAL A 131 -30.84 12.42 -5.30
CA VAL A 131 -31.24 13.59 -4.50
C VAL A 131 -31.63 13.08 -3.12
N SER A 132 -31.59 13.97 -2.14
CA SER A 132 -31.90 13.65 -0.76
C SER A 132 -33.39 13.55 -0.48
N ASN A 133 -33.73 12.98 0.67
CA ASN A 133 -35.11 12.85 1.08
C ASN A 133 -35.77 14.22 1.16
N GLN A 134 -35.01 15.20 1.65
CA GLN A 134 -35.51 16.57 1.81
C GLN A 134 -35.89 17.17 0.47
N PHE A 135 -35.08 16.91 -0.56
CA PHE A 135 -35.38 17.41 -1.89
C PHE A 135 -36.71 16.82 -2.35
N LEU A 136 -36.91 15.52 -2.10
CA LEU A 136 -38.15 14.85 -2.48
C LEU A 136 -39.32 15.43 -1.71
N ILE A 137 -39.06 15.78 -0.45
CA ILE A 137 -40.10 16.35 0.39
C ILE A 137 -40.45 17.76 -0.09
N ASN A 138 -39.44 18.58 -0.31
CA ASN A 138 -39.66 19.96 -0.75
C ASN A 138 -40.33 20.13 -2.10
N THR A 139 -40.20 19.13 -2.97
CA THR A 139 -40.78 19.22 -4.30
C THR A 139 -42.16 18.57 -4.36
N ASN A 140 -42.63 18.09 -3.21
CA ASN A 140 -43.91 17.40 -3.10
C ASN A 140 -43.91 16.13 -3.94
N SER A 141 -42.76 15.47 -3.94
CA SER A 141 -42.57 14.21 -4.67
C SER A 141 -43.64 13.18 -4.31
N GLU A 142 -44.09 12.42 -5.29
CA GLU A 142 -45.09 11.39 -5.04
C GLU A 142 -44.54 10.36 -4.03
N LEU A 143 -43.24 10.14 -4.05
CA LEU A 143 -42.59 9.19 -3.16
C LEU A 143 -42.68 9.65 -1.70
N ALA A 144 -42.47 10.96 -1.48
CA ALA A 144 -42.55 11.53 -0.13
C ALA A 144 -43.97 11.43 0.40
N LEU A 145 -44.94 11.65 -0.48
CA LEU A 145 -46.34 11.57 -0.08
C LEU A 145 -46.72 10.12 0.30
N MET A 146 -46.15 9.16 -0.42
CA MET A 146 -46.44 7.76 -0.13
C MET A 146 -45.90 7.33 1.22
N TYR A 147 -44.70 7.79 1.53
CA TYR A 147 -44.03 7.42 2.77
C TYR A 147 -44.11 8.48 3.88
N ASN A 148 -45.06 9.40 3.73
CA ASN A 148 -45.27 10.43 4.74
C ASN A 148 -43.99 11.12 5.22
N ASP A 149 -43.15 11.50 4.27
CA ASP A 149 -41.89 12.19 4.52
C ASP A 149 -40.90 11.48 5.45
N GLU A 150 -41.18 10.24 5.85
CA GLU A 150 -40.28 9.53 6.75
C GLU A 150 -39.41 8.49 6.04
N SER A 151 -38.08 8.64 6.16
CA SER A 151 -37.15 7.70 5.54
C SER A 151 -37.66 7.33 4.16
N VAL A 152 -37.98 8.36 3.38
CA VAL A 152 -38.52 8.17 2.06
C VAL A 152 -37.71 7.26 1.17
N LEU A 153 -36.47 7.63 0.89
CA LEU A 153 -35.64 6.81 0.02
C LEU A 153 -35.35 5.42 0.56
N GLU A 154 -35.04 5.35 1.86
CA GLU A 154 -34.74 4.08 2.49
C GLU A 154 -35.91 3.10 2.40
N ASN A 155 -37.13 3.60 2.60
CA ASN A 155 -38.31 2.75 2.50
C ASN A 155 -38.46 2.28 1.05
N HIS A 156 -38.20 3.19 0.10
CA HIS A 156 -38.31 2.86 -1.31
C HIS A 156 -37.25 1.85 -1.74
N HIS A 157 -36.03 1.98 -1.21
CA HIS A 157 -34.96 1.05 -1.56
C HIS A 157 -35.41 -0.36 -1.19
N LEU A 158 -35.97 -0.47 0.01
CA LEU A 158 -36.47 -1.74 0.53
C LEU A 158 -37.61 -2.30 -0.33
N ALA A 159 -38.57 -1.44 -0.64
CA ALA A 159 -39.72 -1.86 -1.43
C ALA A 159 -39.30 -2.39 -2.80
N VAL A 160 -38.30 -1.75 -3.41
CA VAL A 160 -37.84 -2.16 -4.72
C VAL A 160 -37.01 -3.44 -4.63
N GLY A 161 -36.08 -3.49 -3.67
CA GLY A 161 -35.25 -4.67 -3.52
C GLY A 161 -36.08 -5.95 -3.44
N PHE A 162 -37.10 -5.91 -2.59
CA PHE A 162 -37.99 -7.04 -2.38
C PHE A 162 -38.97 -7.27 -3.52
N LYS A 163 -39.52 -6.19 -4.07
CA LYS A 163 -40.46 -6.30 -5.18
C LYS A 163 -39.84 -7.00 -6.39
N LEU A 164 -38.56 -6.73 -6.64
CA LEU A 164 -37.88 -7.33 -7.78
C LEU A 164 -37.72 -8.86 -7.69
N LEU A 165 -38.01 -9.43 -6.53
CA LEU A 165 -37.91 -10.86 -6.31
C LEU A 165 -39.03 -11.55 -7.10
N GLN A 166 -40.10 -10.81 -7.36
CA GLN A 166 -41.24 -11.35 -8.08
C GLN A 166 -41.09 -11.35 -9.60
N GLU A 167 -40.04 -10.74 -10.14
CA GLU A 167 -39.88 -10.77 -11.57
C GLU A 167 -39.42 -12.18 -11.98
N GLU A 168 -39.55 -12.48 -13.28
CA GLU A 168 -39.22 -13.78 -13.83
C GLU A 168 -37.85 -14.33 -13.40
N HIS A 169 -37.87 -15.50 -12.76
CA HIS A 169 -36.67 -16.18 -12.30
C HIS A 169 -35.82 -15.34 -11.34
N CYS A 170 -36.47 -14.51 -10.53
CA CYS A 170 -35.75 -13.65 -9.60
C CYS A 170 -35.89 -13.96 -8.12
N ASP A 171 -36.76 -14.90 -7.74
CA ASP A 171 -36.93 -15.21 -6.32
C ASP A 171 -35.78 -15.98 -5.71
N ILE A 172 -34.74 -15.29 -5.28
CA ILE A 172 -33.59 -15.96 -4.68
C ILE A 172 -33.90 -16.51 -3.29
N PHE A 173 -35.06 -16.17 -2.72
CA PHE A 173 -35.43 -16.64 -1.39
C PHE A 173 -36.51 -17.73 -1.45
N MET A 174 -36.79 -18.19 -2.66
CA MET A 174 -37.81 -19.22 -2.90
C MET A 174 -37.67 -20.44 -2.00
N ASN A 175 -36.45 -20.90 -1.79
CA ASN A 175 -36.24 -22.08 -0.98
C ASN A 175 -35.97 -21.90 0.50
N LEU A 176 -36.10 -20.68 1.01
CA LEU A 176 -35.92 -20.48 2.43
C LEU A 176 -37.28 -20.89 3.00
N THR A 177 -37.31 -21.31 4.26
CA THR A 177 -38.58 -21.69 4.88
C THR A 177 -39.36 -20.40 5.06
N LYS A 178 -40.64 -20.49 5.40
CA LYS A 178 -41.43 -19.29 5.59
C LYS A 178 -40.88 -18.48 6.75
N LYS A 179 -40.43 -19.18 7.79
CA LYS A 179 -39.89 -18.54 8.97
C LYS A 179 -38.58 -17.84 8.65
N GLN A 180 -37.79 -18.45 7.77
CA GLN A 180 -36.51 -17.89 7.35
C GLN A 180 -36.71 -16.60 6.57
N ARG A 181 -37.69 -16.60 5.66
CA ARG A 181 -38.01 -15.43 4.85
C ARG A 181 -38.47 -14.31 5.77
N GLN A 182 -39.35 -14.66 6.71
CA GLN A 182 -39.88 -13.70 7.67
C GLN A 182 -38.76 -13.05 8.48
N THR A 183 -37.86 -13.88 9.01
CA THR A 183 -36.76 -13.38 9.82
C THR A 183 -35.80 -12.52 9.00
N LEU A 184 -35.46 -12.99 7.80
CA LEU A 184 -34.53 -12.24 6.96
C LEU A 184 -35.15 -10.89 6.57
N ARG A 185 -36.42 -10.90 6.19
CA ARG A 185 -37.09 -9.67 5.81
C ARG A 185 -36.98 -8.66 6.95
N LYS A 186 -37.33 -9.09 8.15
CA LYS A 186 -37.27 -8.24 9.34
C LYS A 186 -35.89 -7.63 9.48
N MET A 187 -34.86 -8.47 9.44
CA MET A 187 -33.49 -7.99 9.59
C MET A 187 -33.07 -7.07 8.46
N VAL A 188 -33.46 -7.38 7.23
CA VAL A 188 -33.07 -6.53 6.09
C VAL A 188 -33.72 -5.15 6.21
N ILE A 189 -35.00 -5.13 6.54
CA ILE A 189 -35.72 -3.87 6.71
C ILE A 189 -35.05 -3.04 7.79
N ASP A 190 -34.71 -3.70 8.88
CA ASP A 190 -34.04 -3.05 10.01
C ASP A 190 -32.72 -2.43 9.58
N MET A 191 -31.89 -3.21 8.89
CA MET A 191 -30.59 -2.70 8.46
C MET A 191 -30.66 -1.58 7.41
N VAL A 192 -31.61 -1.66 6.48
CA VAL A 192 -31.67 -0.60 5.47
C VAL A 192 -32.25 0.69 6.04
N LEU A 193 -33.24 0.58 6.90
CA LEU A 193 -33.81 1.77 7.50
C LEU A 193 -32.71 2.45 8.33
N ALA A 194 -31.78 1.66 8.84
CA ALA A 194 -30.69 2.18 9.65
C ALA A 194 -29.67 2.96 8.83
N THR A 195 -29.78 2.91 7.50
CA THR A 195 -28.84 3.64 6.65
C THR A 195 -29.25 5.11 6.52
N ASP A 196 -30.44 5.44 7.01
CA ASP A 196 -30.94 6.81 6.98
C ASP A 196 -30.06 7.61 7.91
N MET A 197 -29.27 8.53 7.35
CA MET A 197 -28.36 9.36 8.15
C MET A 197 -29.02 10.08 9.31
N SER A 198 -30.33 10.24 9.27
CA SER A 198 -31.01 10.92 10.36
C SER A 198 -31.11 10.02 11.59
N LYS A 199 -30.68 8.76 11.43
CA LYS A 199 -30.73 7.82 12.55
C LYS A 199 -29.31 7.58 13.07
N HIS A 200 -28.33 8.21 12.44
CA HIS A 200 -26.93 8.04 12.82
C HIS A 200 -26.67 8.17 14.32
N MET A 201 -26.90 9.37 14.87
CA MET A 201 -26.67 9.62 16.28
C MET A 201 -27.26 8.56 17.19
N SER A 202 -28.50 8.17 16.96
CA SER A 202 -29.12 7.16 17.81
C SER A 202 -28.46 5.79 17.60
N LEU A 203 -27.95 5.54 16.40
CA LEU A 203 -27.28 4.27 16.13
C LEU A 203 -25.97 4.23 16.90
N LEU A 204 -25.23 5.33 16.84
CA LEU A 204 -23.96 5.44 17.52
C LEU A 204 -24.16 5.39 19.03
N ALA A 205 -25.16 6.12 19.51
CA ALA A 205 -25.45 6.13 20.94
C ALA A 205 -25.70 4.70 21.41
N ASP A 206 -26.64 4.03 20.76
CA ASP A 206 -26.96 2.65 21.12
C ASP A 206 -25.73 1.76 20.99
N LEU A 207 -24.92 1.99 19.95
CA LEU A 207 -23.72 1.18 19.72
C LEU A 207 -22.72 1.31 20.87
N LYS A 208 -22.53 2.54 21.35
CA LYS A 208 -21.62 2.76 22.47
C LYS A 208 -22.19 2.06 23.70
N THR A 209 -23.45 2.36 24.01
CA THR A 209 -24.13 1.76 25.14
C THR A 209 -23.94 0.25 25.18
N MET A 210 -23.69 -0.34 24.01
CA MET A 210 -23.48 -1.77 23.93
C MET A 210 -22.03 -2.16 24.15
N VAL A 211 -21.11 -1.32 23.67
CA VAL A 211 -19.69 -1.60 23.83
C VAL A 211 -19.34 -1.56 25.32
N GLU A 212 -20.26 -1.02 26.12
CA GLU A 212 -20.06 -0.94 27.56
C GLU A 212 -20.33 -2.30 28.18
N THR A 213 -21.48 -2.88 27.84
CA THR A 213 -21.88 -4.19 28.35
C THR A 213 -21.23 -5.29 27.52
N LYS A 214 -20.30 -4.88 26.67
CA LYS A 214 -19.57 -5.78 25.78
C LYS A 214 -19.06 -7.05 26.48
N LYS A 215 -19.32 -8.20 25.88
CA LYS A 215 -18.88 -9.47 26.44
C LYS A 215 -18.04 -10.23 25.43
N VAL A 216 -17.06 -10.99 25.91
CA VAL A 216 -16.20 -11.78 25.04
C VAL A 216 -16.00 -13.17 25.57
N THR A 217 -15.22 -13.98 24.85
CA THR A 217 -14.94 -15.34 25.27
C THR A 217 -13.49 -15.43 25.70
N SER A 218 -13.09 -16.62 26.12
CA SER A 218 -11.72 -16.86 26.55
C SER A 218 -10.71 -16.50 25.46
N SER A 219 -11.12 -16.63 24.20
CA SER A 219 -10.25 -16.30 23.07
C SER A 219 -10.36 -14.84 22.65
N GLY A 220 -11.32 -14.12 23.22
CA GLY A 220 -11.50 -12.72 22.88
C GLY A 220 -12.70 -12.43 21.99
N VAL A 221 -13.25 -13.48 21.38
CA VAL A 221 -14.40 -13.35 20.50
C VAL A 221 -15.63 -12.79 21.18
N LEU A 222 -16.28 -11.83 20.53
CA LEU A 222 -17.48 -11.21 21.08
C LEU A 222 -18.58 -12.22 21.35
N LEU A 223 -19.41 -11.92 22.35
CA LEU A 223 -20.52 -12.79 22.71
C LEU A 223 -21.84 -12.07 22.54
N LEU A 224 -22.62 -12.53 21.56
CA LEU A 224 -23.94 -11.95 21.27
C LEU A 224 -24.91 -13.12 21.21
N ASP A 225 -25.52 -13.42 22.35
CA ASP A 225 -26.44 -14.54 22.44
C ASP A 225 -27.90 -14.28 22.07
N ASN A 226 -28.36 -13.04 22.22
CA ASN A 226 -29.75 -12.72 21.88
C ASN A 226 -29.90 -11.90 20.60
N TYR A 227 -31.05 -12.06 19.95
CA TYR A 227 -31.36 -11.38 18.69
C TYR A 227 -31.11 -9.87 18.70
N THR A 228 -31.77 -9.16 19.60
CA THR A 228 -31.62 -7.71 19.68
C THR A 228 -30.17 -7.24 19.59
N ASP A 229 -29.26 -7.95 20.28
CA ASP A 229 -27.85 -7.55 20.24
C ASP A 229 -27.20 -7.82 18.89
N ARG A 230 -27.51 -8.97 18.29
CA ARG A 230 -26.93 -9.32 17.00
C ARG A 230 -27.40 -8.35 15.93
N ILE A 231 -28.70 -8.10 15.86
CA ILE A 231 -29.23 -7.18 14.86
C ILE A 231 -28.64 -5.79 15.05
N GLN A 232 -28.46 -5.38 16.31
CA GLN A 232 -27.87 -4.07 16.56
C GLN A 232 -26.46 -4.01 16.00
N VAL A 233 -25.72 -5.11 16.10
CA VAL A 233 -24.37 -5.14 15.57
C VAL A 233 -24.43 -5.16 14.06
N LEU A 234 -25.40 -5.91 13.52
CA LEU A 234 -25.55 -6.00 12.08
C LEU A 234 -25.94 -4.65 11.48
N ARG A 235 -26.94 -3.99 12.04
CA ARG A 235 -27.35 -2.70 11.50
C ARG A 235 -26.19 -1.69 11.55
N ASN A 236 -25.39 -1.73 12.61
CA ASN A 236 -24.27 -0.79 12.67
C ASN A 236 -23.18 -1.17 11.66
N MET A 237 -23.03 -2.48 11.43
CA MET A 237 -22.03 -2.98 10.49
C MET A 237 -22.30 -2.44 9.07
N VAL A 238 -23.54 -2.55 8.63
CA VAL A 238 -23.93 -2.09 7.30
C VAL A 238 -23.77 -0.57 7.22
N HIS A 239 -24.10 0.11 8.30
CA HIS A 239 -23.96 1.56 8.38
C HIS A 239 -22.48 1.90 8.24
N CYS A 240 -21.62 1.15 8.93
CA CYS A 240 -20.18 1.39 8.83
C CYS A 240 -19.68 1.16 7.41
N ALA A 241 -20.15 0.09 6.76
CA ALA A 241 -19.72 -0.21 5.39
C ALA A 241 -20.18 0.93 4.49
N ASP A 242 -21.39 1.39 4.73
CA ASP A 242 -21.96 2.48 3.95
C ASP A 242 -21.09 3.74 4.15
N LEU A 243 -20.54 3.90 5.35
CA LEU A 243 -19.69 5.04 5.66
C LEU A 243 -18.22 4.63 5.72
N SER A 244 -17.83 3.71 4.84
CA SER A 244 -16.45 3.24 4.81
C SER A 244 -15.52 3.93 3.81
N ASN A 245 -16.07 4.77 2.93
CA ASN A 245 -15.22 5.44 1.94
C ASN A 245 -13.94 6.07 2.50
N PRO A 246 -14.06 6.85 3.59
CA PRO A 246 -12.87 7.51 4.17
C PRO A 246 -11.85 6.57 4.81
N THR A 247 -12.22 5.30 5.00
CA THR A 247 -11.31 4.33 5.59
C THR A 247 -10.57 3.50 4.56
N LYS A 248 -10.79 3.80 3.29
CA LYS A 248 -10.14 3.06 2.22
C LYS A 248 -8.87 3.74 1.78
N SER A 249 -8.08 3.05 0.98
CA SER A 249 -6.84 3.60 0.48
C SER A 249 -7.22 4.94 -0.16
N LEU A 250 -6.41 5.96 0.08
CA LEU A 250 -6.69 7.28 -0.44
C LEU A 250 -7.04 7.31 -1.91
N GLU A 251 -6.41 6.44 -2.70
CA GLU A 251 -6.71 6.41 -4.13
C GLU A 251 -8.19 6.12 -4.36
N LEU A 252 -8.77 5.27 -3.51
CA LEU A 252 -10.18 4.93 -3.61
C LEU A 252 -11.05 6.04 -3.02
N TYR A 253 -10.72 6.45 -1.79
CA TYR A 253 -11.47 7.50 -1.10
C TYR A 253 -11.63 8.73 -1.98
N ARG A 254 -10.54 9.16 -2.60
CA ARG A 254 -10.61 10.32 -3.47
C ARG A 254 -11.60 10.15 -4.63
N GLN A 255 -11.75 8.91 -5.13
CA GLN A 255 -12.69 8.68 -6.22
C GLN A 255 -14.10 8.73 -5.64
N TRP A 256 -14.29 8.20 -4.44
CA TRP A 256 -15.61 8.24 -3.82
C TRP A 256 -16.03 9.69 -3.53
N THR A 257 -15.07 10.51 -3.08
CA THR A 257 -15.34 11.91 -2.76
C THR A 257 -15.73 12.70 -4.02
N ASP A 258 -14.98 12.50 -5.11
CA ASP A 258 -15.31 13.18 -6.35
C ASP A 258 -16.74 12.85 -6.75
N ARG A 259 -17.14 11.60 -6.53
CA ARG A 259 -18.48 11.15 -6.88
C ARG A 259 -19.56 11.77 -6.01
N ILE A 260 -19.37 11.72 -4.69
CA ILE A 260 -20.38 12.29 -3.81
C ILE A 260 -20.51 13.81 -4.05
N MET A 261 -19.40 14.48 -4.33
CA MET A 261 -19.46 15.91 -4.58
C MET A 261 -20.19 16.20 -5.89
N GLU A 262 -19.92 15.40 -6.91
CA GLU A 262 -20.59 15.60 -8.18
C GLU A 262 -22.09 15.38 -7.98
N GLU A 263 -22.46 14.37 -7.19
CA GLU A 263 -23.88 14.13 -6.97
C GLU A 263 -24.50 15.33 -6.25
N PHE A 264 -23.79 15.88 -5.27
CA PHE A 264 -24.31 17.04 -4.55
C PHE A 264 -24.48 18.23 -5.50
N PHE A 265 -23.47 18.48 -6.33
CA PHE A 265 -23.55 19.58 -7.27
C PHE A 265 -24.72 19.35 -8.22
N GLN A 266 -24.93 18.09 -8.60
CA GLN A 266 -26.04 17.74 -9.48
C GLN A 266 -27.35 18.13 -8.82
N GLN A 267 -27.51 17.82 -7.54
CA GLN A 267 -28.73 18.20 -6.85
C GLN A 267 -28.79 19.73 -6.80
N GLY A 268 -27.65 20.35 -6.53
CA GLY A 268 -27.60 21.80 -6.50
C GLY A 268 -28.12 22.35 -7.81
N ASP A 269 -27.72 21.73 -8.92
CA ASP A 269 -28.18 22.17 -10.24
C ASP A 269 -29.69 22.01 -10.36
N LYS A 270 -30.23 20.93 -9.82
CA LYS A 270 -31.67 20.67 -9.91
C LYS A 270 -32.48 21.68 -9.12
N GLU A 271 -31.93 22.09 -7.97
CA GLU A 271 -32.63 23.06 -7.13
C GLU A 271 -32.65 24.42 -7.84
N ARG A 272 -31.53 24.79 -8.45
CA ARG A 272 -31.44 26.04 -9.18
C ARG A 272 -32.41 25.98 -10.36
N GLU A 273 -32.40 24.85 -11.08
CA GLU A 273 -33.27 24.66 -12.22
C GLU A 273 -34.74 24.82 -11.86
N ARG A 274 -35.13 24.32 -10.69
CA ARG A 274 -36.51 24.38 -10.27
C ARG A 274 -36.90 25.56 -9.38
N GLY A 275 -36.02 26.56 -9.29
CA GLY A 275 -36.32 27.74 -8.48
C GLY A 275 -36.36 27.49 -6.99
N MET A 276 -35.56 26.54 -6.50
CA MET A 276 -35.51 26.23 -5.07
C MET A 276 -34.21 26.82 -4.53
N GLU A 277 -34.14 26.99 -3.21
CA GLU A 277 -32.92 27.50 -2.59
C GLU A 277 -31.89 26.38 -2.68
N ILE A 278 -30.64 26.71 -2.97
CA ILE A 278 -29.59 25.71 -3.09
C ILE A 278 -29.13 25.17 -1.73
N SER A 279 -29.26 23.87 -1.55
CA SER A 279 -28.88 23.20 -0.30
C SER A 279 -27.39 23.33 0.02
N PRO A 280 -27.01 23.04 1.28
CA PRO A 280 -25.62 23.12 1.72
C PRO A 280 -24.77 22.02 1.09
N MET A 281 -23.59 22.39 0.60
CA MET A 281 -22.67 21.44 -0.03
C MET A 281 -23.10 21.05 -1.44
N CYS A 282 -24.17 21.67 -1.94
CA CYS A 282 -24.67 21.38 -3.28
C CYS A 282 -24.33 22.47 -4.28
N ASP A 283 -23.54 23.45 -3.86
CA ASP A 283 -23.12 24.54 -4.74
C ASP A 283 -21.61 24.45 -4.96
N LYS A 284 -21.20 24.01 -6.13
CA LYS A 284 -19.78 23.86 -6.46
C LYS A 284 -18.98 25.14 -6.37
N HIS A 285 -19.68 26.28 -6.39
CA HIS A 285 -19.02 27.57 -6.31
C HIS A 285 -18.98 28.14 -4.90
N THR A 286 -19.37 27.33 -3.91
CA THR A 286 -19.36 27.76 -2.52
C THR A 286 -19.10 26.59 -1.57
N ALA A 287 -18.77 25.43 -2.13
CA ALA A 287 -18.50 24.25 -1.32
C ALA A 287 -17.00 24.03 -1.10
N SER A 288 -16.65 23.61 0.11
CA SER A 288 -15.25 23.35 0.46
C SER A 288 -15.09 21.85 0.57
N VAL A 289 -14.69 21.22 -0.53
CA VAL A 289 -14.51 19.78 -0.55
C VAL A 289 -13.66 19.30 0.62
N GLU A 290 -12.47 19.86 0.75
CA GLU A 290 -11.57 19.45 1.81
C GLU A 290 -12.16 19.68 3.20
N LYS A 291 -12.67 20.88 3.44
CA LYS A 291 -13.25 21.19 4.74
C LYS A 291 -14.41 20.26 5.05
N SER A 292 -15.20 19.94 4.04
CA SER A 292 -16.35 19.06 4.21
C SER A 292 -15.93 17.67 4.66
N GLN A 293 -14.95 17.09 3.98
CA GLN A 293 -14.49 15.76 4.33
C GLN A 293 -13.96 15.76 5.76
N VAL A 294 -13.07 16.69 6.06
CA VAL A 294 -12.51 16.77 7.42
C VAL A 294 -13.65 16.83 8.44
N GLY A 295 -14.62 17.69 8.18
CA GLY A 295 -15.75 17.82 9.08
C GLY A 295 -16.61 16.58 9.13
N PHE A 296 -16.74 15.90 7.99
CA PHE A 296 -17.55 14.70 7.91
C PHE A 296 -16.92 13.60 8.74
N ILE A 297 -15.60 13.48 8.63
CA ILE A 297 -14.86 12.46 9.38
C ILE A 297 -14.87 12.77 10.88
N ASP A 298 -14.50 14.00 11.25
CA ASP A 298 -14.46 14.37 12.66
C ASP A 298 -15.75 14.16 13.41
N TYR A 299 -16.85 14.63 12.84
CA TYR A 299 -18.15 14.54 13.51
C TYR A 299 -19.03 13.33 13.20
N ILE A 300 -18.77 12.64 12.10
CA ILE A 300 -19.60 11.49 11.75
C ILE A 300 -18.86 10.17 11.63
N VAL A 301 -17.98 10.08 10.64
CA VAL A 301 -17.23 8.87 10.36
C VAL A 301 -16.29 8.38 11.46
N HIS A 302 -15.38 9.24 11.90
CA HIS A 302 -14.45 8.83 12.94
C HIS A 302 -15.17 8.40 14.21
N PRO A 303 -16.14 9.21 14.68
CA PRO A 303 -16.86 8.81 15.91
C PRO A 303 -17.51 7.43 15.77
N LEU A 304 -17.91 7.09 14.55
CA LEU A 304 -18.54 5.81 14.31
C LEU A 304 -17.53 4.67 14.31
N TRP A 305 -16.48 4.83 13.50
CA TRP A 305 -15.46 3.80 13.40
C TRP A 305 -14.60 3.56 14.64
N GLU A 306 -14.43 4.59 15.47
CA GLU A 306 -13.64 4.40 16.68
C GLU A 306 -14.47 3.49 17.59
N THR A 307 -15.78 3.69 17.60
CA THR A 307 -16.68 2.88 18.41
C THR A 307 -16.75 1.45 17.87
N TRP A 308 -16.74 1.30 16.55
CA TRP A 308 -16.78 -0.04 15.98
C TRP A 308 -15.46 -0.74 16.25
N ALA A 309 -14.37 0.01 16.12
CA ALA A 309 -13.04 -0.52 16.37
C ALA A 309 -12.95 -0.98 17.81
N ASP A 310 -13.63 -0.26 18.70
CA ASP A 310 -13.64 -0.59 20.11
C ASP A 310 -14.35 -1.93 20.30
N LEU A 311 -15.51 -2.07 19.67
CA LEU A 311 -16.29 -3.29 19.77
C LEU A 311 -15.56 -4.55 19.31
N VAL A 312 -14.70 -4.42 18.29
CA VAL A 312 -13.99 -5.56 17.75
C VAL A 312 -12.46 -5.45 17.84
N GLN A 313 -11.96 -4.62 18.74
CA GLN A 313 -10.52 -4.44 18.87
C GLN A 313 -9.78 -5.76 19.01
N PRO A 314 -8.58 -5.85 18.41
CA PRO A 314 -7.91 -4.81 17.65
C PRO A 314 -8.14 -4.94 16.13
N ASP A 315 -9.14 -5.71 15.75
CA ASP A 315 -9.46 -5.96 14.34
C ASP A 315 -9.49 -4.76 13.39
N ALA A 316 -10.08 -3.65 13.82
CA ALA A 316 -10.21 -2.47 12.97
C ALA A 316 -9.11 -1.41 13.10
N GLN A 317 -8.04 -1.72 13.81
CA GLN A 317 -6.97 -0.75 13.98
C GLN A 317 -6.41 -0.16 12.69
N ASP A 318 -6.11 -1.01 11.70
CA ASP A 318 -5.56 -0.51 10.44
C ASP A 318 -6.56 0.41 9.74
N ILE A 319 -7.85 0.10 9.86
CA ILE A 319 -8.88 0.93 9.25
C ILE A 319 -8.88 2.31 9.91
N LEU A 320 -8.81 2.33 11.24
CA LEU A 320 -8.78 3.60 11.97
C LEU A 320 -7.54 4.41 11.63
N ASP A 321 -6.42 3.75 11.40
CA ASP A 321 -5.19 4.45 11.06
C ASP A 321 -5.31 5.08 9.69
N THR A 322 -5.90 4.35 8.76
CA THR A 322 -6.08 4.86 7.40
C THR A 322 -7.03 6.04 7.44
N LEU A 323 -8.12 5.89 8.20
CA LEU A 323 -9.11 6.96 8.33
C LEU A 323 -8.43 8.23 8.81
N GLU A 324 -7.61 8.10 9.84
CA GLU A 324 -6.91 9.25 10.41
C GLU A 324 -5.91 9.86 9.43
N ASP A 325 -5.21 9.02 8.67
CA ASP A 325 -4.27 9.55 7.68
C ASP A 325 -5.04 10.32 6.63
N ASN A 326 -6.12 9.73 6.14
CA ASN A 326 -6.96 10.36 5.12
C ASN A 326 -7.48 11.70 5.61
N ARG A 327 -7.94 11.76 6.86
CA ARG A 327 -8.44 13.01 7.41
C ARG A 327 -7.39 14.09 7.39
N ASN A 328 -6.19 13.77 7.88
CA ASN A 328 -5.12 14.75 7.91
C ASN A 328 -4.68 15.17 6.52
N TRP A 329 -4.79 14.25 5.56
CA TRP A 329 -4.40 14.58 4.21
C TRP A 329 -5.32 15.67 3.65
N TYR A 330 -6.61 15.54 3.94
CA TYR A 330 -7.59 16.51 3.47
C TYR A 330 -7.42 17.83 4.21
N GLN A 331 -7.16 17.74 5.51
CA GLN A 331 -6.96 18.92 6.35
C GLN A 331 -5.75 19.72 5.87
N SER A 332 -4.85 19.06 5.18
CA SER A 332 -3.65 19.72 4.67
C SER A 332 -3.92 20.26 3.29
N MET A 333 -4.87 19.66 2.58
CA MET A 333 -5.22 20.07 1.23
C MET A 333 -6.17 21.26 1.23
N ILE A 334 -6.69 21.62 2.40
CA ILE A 334 -7.59 22.76 2.50
C ILE A 334 -6.88 23.97 1.91
N PRO A 335 -7.49 24.63 0.91
CA PRO A 335 -6.89 25.80 0.28
C PRO A 335 -6.24 26.73 1.29
N GLN A 336 -4.96 27.04 1.04
CA GLN A 336 -4.16 27.88 1.92
C GLN A 336 -4.76 29.22 2.36
N ALA A 337 -5.51 29.19 3.45
CA ALA A 337 -6.09 30.40 4.03
C ALA A 337 -4.98 30.91 4.94
N PRO A 338 -5.20 32.02 5.66
CA PRO A 338 -6.37 32.91 5.74
C PRO A 338 -6.31 34.05 4.71
N ALA A 339 -5.99 33.71 3.46
CA ALA A 339 -5.90 34.71 2.40
C ALA A 339 -5.77 34.05 1.04
N SER B 2 31.99 -17.89 15.63
CA SER B 2 31.99 -16.40 15.63
C SER B 2 30.57 -15.84 15.71
N ILE B 3 29.59 -16.73 15.69
CA ILE B 3 28.18 -16.34 15.75
C ILE B 3 27.83 -15.77 17.13
N SER B 4 28.83 -15.71 18.02
CA SER B 4 28.63 -15.20 19.37
C SER B 4 28.86 -13.69 19.47
N ARG B 5 29.74 -13.17 18.62
CA ARG B 5 30.05 -11.74 18.62
C ARG B 5 28.81 -10.89 18.33
N PHE B 6 27.69 -11.55 18.05
CA PHE B 6 26.44 -10.85 17.74
C PHE B 6 25.60 -10.57 18.98
N GLY B 7 25.93 -11.24 20.08
CA GLY B 7 25.19 -11.03 21.31
C GLY B 7 23.70 -11.32 21.24
N VAL B 8 23.25 -11.98 20.18
CA VAL B 8 21.84 -12.32 20.06
C VAL B 8 21.49 -13.20 21.27
N ASN B 9 20.40 -12.86 21.95
CA ASN B 9 19.98 -13.58 23.16
C ASN B 9 19.62 -15.06 23.05
N THR B 10 19.12 -15.48 21.89
CA THR B 10 18.71 -16.87 21.61
C THR B 10 17.19 -17.05 21.56
N GLU B 11 16.45 -16.14 22.19
CA GLU B 11 14.99 -16.21 22.16
C GLU B 11 14.55 -15.51 20.88
N ASN B 12 15.53 -14.88 20.24
CA ASN B 12 15.34 -14.16 18.98
C ASN B 12 16.16 -14.93 17.95
N GLU B 13 16.82 -16.00 18.41
CA GLU B 13 17.62 -16.86 17.55
C GLU B 13 16.70 -17.44 16.49
N ASP B 14 15.54 -17.92 16.93
CA ASP B 14 14.57 -18.50 16.01
C ASP B 14 14.07 -17.38 15.11
N HIS B 15 13.80 -16.22 15.70
CA HIS B 15 13.31 -15.07 14.95
C HIS B 15 14.29 -14.62 13.87
N LEU B 16 15.50 -14.27 14.29
CA LEU B 16 16.51 -13.82 13.34
C LEU B 16 16.74 -14.87 12.26
N ALA B 17 16.76 -16.14 12.66
CA ALA B 17 16.97 -17.23 11.71
C ALA B 17 15.76 -17.34 10.78
N LYS B 18 14.59 -17.02 11.31
CA LYS B 18 13.38 -17.08 10.51
C LYS B 18 13.43 -15.97 9.45
N GLU B 19 13.82 -14.77 9.87
CA GLU B 19 13.93 -13.63 8.95
C GLU B 19 14.94 -13.92 7.85
N LEU B 20 16.02 -14.61 8.20
CA LEU B 20 17.07 -14.92 7.24
C LEU B 20 16.67 -15.97 6.22
N GLU B 21 15.43 -16.45 6.30
CA GLU B 21 14.95 -17.44 5.35
C GLU B 21 14.78 -16.78 3.98
N ASP B 22 14.55 -15.48 4.00
CA ASP B 22 14.36 -14.72 2.76
C ASP B 22 15.64 -14.10 2.25
N LEU B 23 16.77 -14.49 2.83
CA LEU B 23 18.07 -13.94 2.45
C LEU B 23 18.25 -13.77 0.94
N ASN B 24 17.77 -14.72 0.15
CA ASN B 24 17.92 -14.66 -1.29
C ASN B 24 16.68 -14.05 -1.97
N LYS B 25 15.78 -13.49 -1.17
CA LYS B 25 14.55 -12.92 -1.69
C LYS B 25 14.44 -11.39 -1.62
N TRP B 26 13.74 -10.81 -2.59
CA TRP B 26 13.55 -9.37 -2.65
C TRP B 26 12.68 -8.92 -1.48
N GLY B 27 11.84 -9.82 -0.99
CA GLY B 27 10.94 -9.49 0.10
C GLY B 27 11.52 -9.58 1.50
N LEU B 28 12.83 -9.82 1.60
CA LEU B 28 13.47 -9.90 2.91
C LEU B 28 13.21 -8.59 3.65
N ASN B 29 13.06 -8.66 4.97
CA ASN B 29 12.79 -7.45 5.74
C ASN B 29 13.99 -7.11 6.62
N ILE B 30 14.84 -6.22 6.11
CA ILE B 30 16.04 -5.81 6.83
C ILE B 30 15.75 -5.13 8.16
N PHE B 31 14.59 -4.48 8.26
CA PHE B 31 14.18 -3.78 9.48
C PHE B 31 14.08 -4.76 10.65
N ASN B 32 13.46 -5.91 10.42
CA ASN B 32 13.31 -6.92 11.46
C ASN B 32 14.68 -7.52 11.77
N VAL B 33 15.49 -7.72 10.74
CA VAL B 33 16.83 -8.28 10.90
C VAL B 33 17.66 -7.41 11.85
N ALA B 34 17.53 -6.10 11.71
CA ALA B 34 18.26 -5.18 12.56
C ALA B 34 17.74 -5.30 13.99
N GLY B 35 16.43 -5.47 14.10
CA GLY B 35 15.81 -5.58 15.41
C GLY B 35 16.16 -6.85 16.17
N TYR B 36 16.60 -7.89 15.45
CA TYR B 36 16.96 -9.14 16.08
C TYR B 36 18.46 -9.35 16.21
N SER B 37 19.24 -8.37 15.78
CA SER B 37 20.69 -8.47 15.84
C SER B 37 21.31 -7.25 16.50
N HIS B 38 20.64 -6.75 17.54
CA HIS B 38 21.11 -5.57 18.27
C HIS B 38 21.56 -4.44 17.35
N ASN B 39 20.71 -4.12 16.38
CA ASN B 39 20.96 -3.07 15.41
C ASN B 39 22.29 -3.23 14.68
N ARG B 40 22.59 -4.47 14.27
CA ARG B 40 23.81 -4.76 13.52
C ARG B 40 23.41 -5.51 12.25
N PRO B 41 22.43 -4.97 11.51
CA PRO B 41 21.95 -5.59 10.26
C PRO B 41 22.99 -5.71 9.16
N LEU B 42 23.96 -4.82 9.13
CA LEU B 42 24.97 -4.88 8.07
C LEU B 42 25.92 -6.06 8.26
N THR B 43 26.42 -6.24 9.48
CA THR B 43 27.33 -7.35 9.75
C THR B 43 26.55 -8.66 9.69
N CYS B 44 25.33 -8.65 10.22
CA CYS B 44 24.50 -9.85 10.20
C CYS B 44 24.19 -10.31 8.78
N ILE B 45 23.73 -9.39 7.93
CA ILE B 45 23.39 -9.78 6.56
C ILE B 45 24.61 -10.11 5.73
N MET B 46 25.70 -9.37 5.91
CA MET B 46 26.91 -9.63 5.15
C MET B 46 27.51 -10.97 5.54
N TYR B 47 27.33 -11.35 6.80
CA TYR B 47 27.84 -12.62 7.29
C TYR B 47 27.01 -13.72 6.61
N ALA B 48 25.69 -13.60 6.73
CA ALA B 48 24.78 -14.56 6.13
C ALA B 48 25.04 -14.67 4.63
N ILE B 49 25.27 -13.53 3.99
CA ILE B 49 25.53 -13.52 2.55
C ILE B 49 26.82 -14.23 2.19
N PHE B 50 27.89 -13.94 2.92
CA PHE B 50 29.17 -14.57 2.63
C PHE B 50 29.15 -16.08 2.82
N GLN B 51 28.46 -16.55 3.85
CA GLN B 51 28.35 -17.98 4.10
C GLN B 51 27.52 -18.58 2.96
N GLU B 52 26.35 -18.01 2.74
CA GLU B 52 25.43 -18.43 1.69
C GLU B 52 26.15 -18.63 0.36
N ARG B 53 27.14 -17.77 0.09
CA ARG B 53 27.90 -17.87 -1.15
C ARG B 53 29.27 -18.49 -0.93
N ASP B 54 29.48 -19.03 0.27
CA ASP B 54 30.75 -19.66 0.63
C ASP B 54 31.97 -18.80 0.23
N LEU B 55 31.84 -17.49 0.37
CA LEU B 55 32.90 -16.56 0.02
C LEU B 55 34.08 -16.58 0.99
N LEU B 56 33.78 -16.87 2.25
CA LEU B 56 34.83 -16.93 3.26
C LEU B 56 35.86 -18.00 2.91
N LYS B 57 35.38 -19.18 2.53
CA LYS B 57 36.28 -20.28 2.16
C LYS B 57 37.01 -19.95 0.88
N THR B 58 36.25 -19.57 -0.13
CA THR B 58 36.83 -19.24 -1.43
C THR B 58 38.00 -18.26 -1.35
N PHE B 59 37.92 -17.28 -0.45
CA PHE B 59 38.98 -16.30 -0.33
C PHE B 59 39.79 -16.43 0.96
N ARG B 60 39.58 -17.54 1.65
CA ARG B 60 40.30 -17.80 2.89
C ARG B 60 40.17 -16.65 3.88
N ILE B 61 38.94 -16.20 4.08
CA ILE B 61 38.68 -15.13 5.02
C ILE B 61 38.12 -15.79 6.28
N SER B 62 38.86 -15.70 7.38
CA SER B 62 38.38 -16.31 8.62
C SER B 62 37.14 -15.57 9.09
N SER B 63 36.32 -16.24 9.89
CA SER B 63 35.11 -15.62 10.39
C SER B 63 35.50 -14.42 11.24
N ASP B 64 36.51 -14.61 12.08
CA ASP B 64 36.96 -13.55 12.97
C ASP B 64 37.36 -12.28 12.24
N THR B 65 38.19 -12.42 11.21
CA THR B 65 38.62 -11.26 10.45
C THR B 65 37.42 -10.58 9.79
N PHE B 66 36.54 -11.39 9.22
CA PHE B 66 35.36 -10.86 8.56
C PHE B 66 34.42 -10.09 9.51
N ILE B 67 34.08 -10.71 10.63
CA ILE B 67 33.19 -10.07 11.59
C ILE B 67 33.85 -8.85 12.22
N THR B 68 35.16 -8.91 12.42
CA THR B 68 35.88 -7.80 13.01
C THR B 68 35.81 -6.62 12.06
N TYR B 69 36.07 -6.87 10.78
CA TYR B 69 36.01 -5.79 9.80
C TYR B 69 34.59 -5.24 9.67
N MET B 70 33.60 -6.12 9.48
CA MET B 70 32.22 -5.67 9.32
C MET B 70 31.72 -4.87 10.53
N MET B 71 31.97 -5.36 11.73
CA MET B 71 31.53 -4.66 12.94
C MET B 71 32.22 -3.29 13.02
N THR B 72 33.43 -3.19 12.48
CA THR B 72 34.15 -1.93 12.50
C THR B 72 33.54 -1.02 11.45
N LEU B 73 33.34 -1.56 10.25
CA LEU B 73 32.76 -0.82 9.14
C LEU B 73 31.39 -0.28 9.53
N GLU B 74 30.57 -1.16 10.07
CA GLU B 74 29.22 -0.78 10.48
C GLU B 74 29.24 0.29 11.54
N ASP B 75 30.24 0.22 12.41
CA ASP B 75 30.35 1.20 13.47
C ASP B 75 30.72 2.57 12.90
N HIS B 76 31.18 2.58 11.65
CA HIS B 76 31.52 3.84 11.01
C HIS B 76 30.35 4.43 10.24
N TYR B 77 29.17 3.81 10.40
CA TYR B 77 27.94 4.31 9.82
C TYR B 77 27.31 5.06 11.00
N HIS B 78 26.78 6.26 10.76
CA HIS B 78 26.19 7.04 11.84
C HIS B 78 24.75 6.61 12.05
N SER B 79 24.47 6.03 13.21
CA SER B 79 23.12 5.57 13.49
C SER B 79 22.16 6.72 13.81
N ASP B 80 22.70 7.93 13.93
CA ASP B 80 21.88 9.10 14.23
C ASP B 80 21.50 9.82 12.93
N VAL B 81 21.98 9.28 11.81
CA VAL B 81 21.66 9.78 10.48
C VAL B 81 20.46 8.91 10.12
N ALA B 82 19.33 9.53 9.81
CA ALA B 82 18.08 8.82 9.53
C ALA B 82 18.02 7.80 8.38
N TYR B 83 18.65 8.10 7.26
CA TYR B 83 18.61 7.19 6.12
C TYR B 83 19.96 6.52 5.82
N HIS B 84 20.98 7.33 5.57
CA HIS B 84 22.30 6.79 5.25
C HIS B 84 23.09 6.24 6.44
N ASN B 85 22.55 5.19 7.04
CA ASN B 85 23.16 4.49 8.17
C ASN B 85 23.34 3.03 7.74
N SER B 86 23.78 2.15 8.65
CA SER B 86 24.02 0.74 8.28
C SER B 86 22.79 -0.02 7.78
N LEU B 87 21.61 0.37 8.21
CA LEU B 87 20.40 -0.31 7.76
C LEU B 87 20.30 -0.14 6.24
N HIS B 88 20.55 1.07 5.75
CA HIS B 88 20.50 1.32 4.31
C HIS B 88 21.60 0.52 3.62
N ALA B 89 22.79 0.49 4.22
CA ALA B 89 23.90 -0.26 3.65
C ALA B 89 23.58 -1.76 3.63
N ALA B 90 23.02 -2.26 4.72
CA ALA B 90 22.66 -3.67 4.82
C ALA B 90 21.66 -3.98 3.71
N ASP B 91 20.70 -3.07 3.55
CA ASP B 91 19.67 -3.21 2.53
C ASP B 91 20.31 -3.28 1.14
N VAL B 92 21.20 -2.36 0.84
CA VAL B 92 21.82 -2.34 -0.47
C VAL B 92 22.70 -3.56 -0.70
N ALA B 93 23.29 -4.08 0.37
CA ALA B 93 24.13 -5.26 0.24
C ALA B 93 23.26 -6.47 -0.08
N GLN B 94 22.19 -6.67 0.70
CA GLN B 94 21.31 -7.81 0.46
C GLN B 94 20.61 -7.69 -0.89
N SER B 95 20.29 -6.46 -1.30
CA SER B 95 19.62 -6.26 -2.57
C SER B 95 20.57 -6.63 -3.70
N THR B 96 21.85 -6.31 -3.51
CA THR B 96 22.86 -6.64 -4.51
C THR B 96 23.04 -8.16 -4.55
N HIS B 97 22.89 -8.79 -3.39
CA HIS B 97 23.04 -10.24 -3.28
C HIS B 97 21.97 -10.92 -4.15
N VAL B 98 20.72 -10.46 -3.99
CA VAL B 98 19.60 -11.00 -4.77
C VAL B 98 19.78 -10.72 -6.25
N LEU B 99 20.16 -9.48 -6.59
CA LEU B 99 20.34 -9.11 -7.99
C LEU B 99 21.45 -9.89 -8.69
N LEU B 100 22.45 -10.30 -7.91
CA LEU B 100 23.58 -11.06 -8.45
C LEU B 100 23.12 -12.46 -8.81
N SER B 101 22.11 -12.97 -8.10
CA SER B 101 21.62 -14.31 -8.37
C SER B 101 20.36 -14.32 -9.24
N THR B 102 20.21 -13.26 -10.04
CA THR B 102 19.08 -13.14 -10.94
C THR B 102 19.39 -14.14 -12.06
N PRO B 103 18.41 -14.95 -12.47
CA PRO B 103 18.58 -15.96 -13.54
C PRO B 103 19.34 -15.50 -14.78
N ALA B 104 18.95 -14.36 -15.33
CA ALA B 104 19.59 -13.82 -16.52
C ALA B 104 21.11 -13.59 -16.38
N LEU B 105 21.62 -13.68 -15.15
CA LEU B 105 23.06 -13.49 -14.93
C LEU B 105 23.71 -14.69 -14.23
N ASP B 106 23.11 -15.86 -14.39
CA ASP B 106 23.64 -17.06 -13.77
C ASP B 106 25.05 -17.37 -14.30
N ALA B 107 25.97 -17.65 -13.37
CA ALA B 107 27.35 -17.99 -13.70
C ALA B 107 28.10 -16.93 -14.52
N VAL B 108 27.52 -15.75 -14.67
CA VAL B 108 28.16 -14.68 -15.44
C VAL B 108 29.35 -14.03 -14.73
N PHE B 109 29.31 -13.96 -13.41
CA PHE B 109 30.38 -13.31 -12.66
C PHE B 109 31.29 -14.24 -11.86
N THR B 110 32.57 -13.88 -11.81
CA THR B 110 33.58 -14.64 -11.08
C THR B 110 33.37 -14.40 -9.59
N ASP B 111 33.95 -15.25 -8.75
CA ASP B 111 33.80 -15.09 -7.31
C ASP B 111 34.41 -13.79 -6.83
N LEU B 112 35.35 -13.24 -7.60
CA LEU B 112 35.98 -11.98 -7.22
C LEU B 112 35.01 -10.83 -7.46
N GLU B 113 34.47 -10.76 -8.68
CA GLU B 113 33.51 -9.73 -9.03
C GLU B 113 32.32 -9.73 -8.09
N ILE B 114 31.86 -10.92 -7.71
CA ILE B 114 30.73 -11.02 -6.80
C ILE B 114 31.14 -10.46 -5.45
N LEU B 115 32.38 -10.74 -5.06
CA LEU B 115 32.93 -10.26 -3.81
C LEU B 115 32.96 -8.73 -3.84
N ALA B 116 33.50 -8.20 -4.94
CA ALA B 116 33.64 -6.76 -5.16
C ALA B 116 32.31 -6.00 -5.10
N ALA B 117 31.30 -6.52 -5.80
CA ALA B 117 29.98 -5.90 -5.83
C ALA B 117 29.33 -5.85 -4.45
N ILE B 118 29.39 -6.96 -3.73
CA ILE B 118 28.79 -7.01 -2.41
C ILE B 118 29.56 -6.13 -1.43
N PHE B 119 30.90 -6.19 -1.50
CA PHE B 119 31.75 -5.39 -0.63
C PHE B 119 31.40 -3.91 -0.85
N ALA B 120 31.41 -3.50 -2.11
CA ALA B 120 31.11 -2.12 -2.50
C ALA B 120 29.79 -1.63 -1.93
N ALA B 121 28.78 -2.47 -1.99
CA ALA B 121 27.46 -2.12 -1.49
C ALA B 121 27.51 -1.93 0.02
N ALA B 122 28.28 -2.75 0.71
CA ALA B 122 28.37 -2.64 2.16
C ALA B 122 29.08 -1.36 2.61
N ILE B 123 30.08 -0.92 1.85
CA ILE B 123 30.82 0.27 2.23
C ILE B 123 30.44 1.54 1.45
N HIS B 124 29.54 1.42 0.47
CA HIS B 124 29.23 2.58 -0.38
C HIS B 124 28.75 3.86 0.30
N ASP B 125 28.25 3.77 1.52
CA ASP B 125 27.79 4.98 2.23
C ASP B 125 28.43 5.11 3.61
N VAL B 126 29.53 4.39 3.86
CA VAL B 126 30.15 4.43 5.17
C VAL B 126 30.60 5.84 5.60
N ASP B 127 30.33 6.17 6.87
CA ASP B 127 30.69 7.46 7.44
C ASP B 127 29.94 8.62 6.78
N HIS B 128 28.73 8.34 6.31
CA HIS B 128 27.90 9.36 5.68
C HIS B 128 27.44 10.31 6.79
N PRO B 129 27.70 11.61 6.62
CA PRO B 129 27.33 12.64 7.60
C PRO B 129 25.85 13.02 7.65
N GLY B 130 25.07 12.60 6.67
CA GLY B 130 23.66 12.94 6.69
C GLY B 130 23.34 14.22 5.94
N VAL B 131 24.30 14.74 5.19
CA VAL B 131 24.12 15.94 4.39
C VAL B 131 24.70 15.65 3.03
N SER B 132 24.18 16.34 2.01
CA SER B 132 24.62 16.14 0.64
C SER B 132 26.03 16.67 0.35
N ASN B 133 26.56 16.30 -0.81
CA ASN B 133 27.87 16.78 -1.21
C ASN B 133 27.82 18.30 -1.30
N GLN B 134 26.72 18.82 -1.85
CA GLN B 134 26.56 20.25 -2.02
C GLN B 134 26.68 20.97 -0.69
N PHE B 135 26.08 20.40 0.35
CA PHE B 135 26.15 21.00 1.67
C PHE B 135 27.61 21.09 2.13
N LEU B 136 28.38 20.04 1.89
CA LEU B 136 29.78 20.01 2.28
C LEU B 136 30.56 21.07 1.52
N ILE B 137 30.27 21.19 0.23
CA ILE B 137 30.95 22.17 -0.62
C ILE B 137 30.63 23.61 -0.20
N ASN B 138 29.35 23.88 0.03
CA ASN B 138 28.93 25.22 0.43
C ASN B 138 29.49 25.69 1.77
N THR B 139 29.68 24.75 2.71
CA THR B 139 30.20 25.09 4.02
C THR B 139 31.73 25.08 4.04
N ASN B 140 32.35 24.96 2.86
CA ASN B 140 33.80 24.90 2.76
C ASN B 140 34.37 23.78 3.62
N SER B 141 33.64 22.68 3.68
CA SER B 141 34.05 21.51 4.45
C SER B 141 35.46 21.04 4.11
N GLU B 142 36.16 20.52 5.11
CA GLU B 142 37.51 20.02 4.91
C GLU B 142 37.49 18.91 3.83
N LEU B 143 36.45 18.07 3.88
CA LEU B 143 36.28 16.98 2.92
C LEU B 143 36.23 17.47 1.48
N ALA B 144 35.42 18.50 1.24
CA ALA B 144 35.26 19.06 -0.09
C ALA B 144 36.59 19.61 -0.60
N LEU B 145 37.33 20.26 0.27
CA LEU B 145 38.61 20.82 -0.15
C LEU B 145 39.57 19.69 -0.51
N MET B 146 39.54 18.63 0.29
CA MET B 146 40.40 17.48 0.06
C MET B 146 40.11 16.83 -1.29
N TYR B 147 38.82 16.61 -1.57
CA TYR B 147 38.38 15.96 -2.79
C TYR B 147 38.04 16.86 -3.97
N ASN B 148 38.39 18.15 -3.84
CA ASN B 148 38.15 19.08 -4.92
C ASN B 148 36.71 19.13 -5.42
N ASP B 149 35.77 19.14 -4.48
CA ASP B 149 34.33 19.21 -4.76
C ASP B 149 33.72 18.13 -5.67
N GLU B 150 34.51 17.13 -6.07
CA GLU B 150 33.96 16.09 -6.95
C GLU B 150 33.75 14.76 -6.24
N SER B 151 32.50 14.29 -6.25
CA SER B 151 32.12 13.03 -5.60
C SER B 151 32.75 12.99 -4.23
N VAL B 152 32.58 14.09 -3.49
CA VAL B 152 33.16 14.21 -2.17
C VAL B 152 32.84 13.06 -1.23
N LEU B 153 31.56 12.80 -1.00
CA LEU B 153 31.18 11.71 -0.11
C LEU B 153 31.57 10.34 -0.63
N GLU B 154 31.34 10.10 -1.92
CA GLU B 154 31.65 8.82 -2.55
C GLU B 154 33.13 8.50 -2.43
N ASN B 155 33.97 9.51 -2.66
CA ASN B 155 35.41 9.33 -2.53
C ASN B 155 35.74 9.00 -1.08
N HIS B 156 35.04 9.63 -0.15
CA HIS B 156 35.25 9.41 1.27
C HIS B 156 34.80 8.01 1.70
N HIS B 157 33.63 7.59 1.23
CA HIS B 157 33.12 6.27 1.57
C HIS B 157 34.18 5.23 1.21
N LEU B 158 34.74 5.36 0.02
CA LEU B 158 35.78 4.47 -0.46
C LEU B 158 37.05 4.53 0.38
N ALA B 159 37.51 5.74 0.69
CA ALA B 159 38.73 5.89 1.47
C ALA B 159 38.59 5.22 2.83
N VAL B 160 37.44 5.40 3.46
CA VAL B 160 37.19 4.79 4.76
C VAL B 160 37.04 3.27 4.65
N GLY B 161 36.23 2.81 3.71
CA GLY B 161 36.05 1.38 3.55
C GLY B 161 37.38 0.64 3.48
N PHE B 162 38.29 1.14 2.66
CA PHE B 162 39.60 0.52 2.50
C PHE B 162 40.55 0.80 3.66
N LYS B 163 40.51 2.03 4.17
CA LYS B 163 41.39 2.39 5.28
C LYS B 163 41.13 1.45 6.45
N LEU B 164 39.86 1.18 6.71
CA LEU B 164 39.49 0.31 7.82
C LEU B 164 40.04 -1.10 7.71
N LEU B 165 40.53 -1.49 6.53
CA LEU B 165 41.11 -2.82 6.36
C LEU B 165 42.41 -2.87 7.17
N GLN B 166 43.03 -1.69 7.33
CA GLN B 166 44.29 -1.56 8.07
C GLN B 166 44.15 -1.65 9.58
N GLU B 167 42.93 -1.58 10.11
CA GLU B 167 42.80 -1.67 11.57
C GLU B 167 43.05 -3.11 12.02
N GLU B 168 43.22 -3.31 13.31
CA GLU B 168 43.50 -4.64 13.87
C GLU B 168 42.54 -5.74 13.40
N HIS B 169 43.11 -6.80 12.81
CA HIS B 169 42.34 -7.96 12.33
C HIS B 169 41.19 -7.65 11.40
N CYS B 170 41.37 -6.66 10.52
CA CYS B 170 40.31 -6.29 9.60
C CYS B 170 40.63 -6.54 8.14
N ASP B 171 41.85 -7.01 7.84
CA ASP B 171 42.22 -7.23 6.45
C ASP B 171 41.57 -8.49 5.85
N ILE B 172 40.31 -8.37 5.44
CA ILE B 172 39.60 -9.50 4.86
C ILE B 172 40.12 -9.86 3.47
N PHE B 173 41.02 -9.05 2.93
CA PHE B 173 41.58 -9.32 1.60
C PHE B 173 43.03 -9.79 1.69
N MET B 174 43.47 -10.07 2.91
CA MET B 174 44.82 -10.52 3.17
C MET B 174 45.24 -11.72 2.31
N ASN B 175 44.34 -12.69 2.19
CA ASN B 175 44.65 -13.90 1.42
C ASN B 175 44.36 -13.91 -0.08
N LEU B 176 43.95 -12.79 -0.65
CA LEU B 176 43.72 -12.75 -2.08
C LEU B 176 45.10 -12.58 -2.68
N THR B 177 45.24 -12.82 -3.97
CA THR B 177 46.54 -12.65 -4.60
C THR B 177 46.71 -11.15 -4.84
N LYS B 178 47.94 -10.69 -5.02
CA LYS B 178 48.18 -9.28 -5.25
C LYS B 178 47.36 -8.80 -6.43
N LYS B 179 47.28 -9.65 -7.46
CA LYS B 179 46.54 -9.37 -8.67
C LYS B 179 45.05 -9.25 -8.37
N GLN B 180 44.57 -10.13 -7.51
CA GLN B 180 43.17 -10.14 -7.13
C GLN B 180 42.81 -8.86 -6.37
N ARG B 181 43.73 -8.40 -5.53
CA ARG B 181 43.48 -7.18 -4.77
C ARG B 181 43.40 -5.98 -5.70
N GLN B 182 44.33 -5.90 -6.66
CA GLN B 182 44.33 -4.79 -7.61
C GLN B 182 43.03 -4.76 -8.41
N THR B 183 42.59 -5.91 -8.89
CA THR B 183 41.37 -5.97 -9.67
C THR B 183 40.15 -5.64 -8.84
N LEU B 184 40.05 -6.23 -7.65
CA LEU B 184 38.90 -5.98 -6.79
C LEU B 184 38.84 -4.50 -6.43
N ARG B 185 39.97 -3.96 -5.98
CA ARG B 185 40.06 -2.56 -5.61
C ARG B 185 39.56 -1.70 -6.77
N LYS B 186 40.07 -1.97 -7.97
CA LYS B 186 39.66 -1.21 -9.15
C LYS B 186 38.15 -1.26 -9.35
N MET B 187 37.57 -2.45 -9.19
CA MET B 187 36.14 -2.64 -9.36
C MET B 187 35.31 -1.96 -8.27
N VAL B 188 35.67 -2.17 -7.02
CA VAL B 188 34.93 -1.56 -5.91
C VAL B 188 34.88 -0.03 -6.05
N ILE B 189 36.01 0.56 -6.44
CA ILE B 189 36.12 2.00 -6.63
C ILE B 189 35.18 2.46 -7.75
N ASP B 190 35.16 1.68 -8.84
CA ASP B 190 34.32 1.99 -9.98
C ASP B 190 32.84 1.97 -9.59
N MET B 191 32.45 0.97 -8.81
CA MET B 191 31.07 0.83 -8.38
C MET B 191 30.64 1.85 -7.32
N VAL B 192 31.48 2.11 -6.32
CA VAL B 192 31.07 3.09 -5.32
C VAL B 192 30.98 4.47 -5.94
N LEU B 193 31.95 4.84 -6.77
CA LEU B 193 31.92 6.16 -7.39
C LEU B 193 30.69 6.33 -8.28
N ALA B 194 30.18 5.20 -8.77
CA ALA B 194 29.02 5.20 -9.64
C ALA B 194 27.74 5.46 -8.87
N THR B 195 27.80 5.45 -7.54
CA THR B 195 26.61 5.71 -6.75
C THR B 195 26.35 7.21 -6.60
N ASP B 196 27.25 8.02 -7.17
CA ASP B 196 27.10 9.48 -7.11
C ASP B 196 25.97 9.82 -8.05
N MET B 197 24.85 10.30 -7.51
CA MET B 197 23.70 10.64 -8.33
C MET B 197 24.00 11.59 -9.49
N SER B 198 25.18 12.21 -9.48
CA SER B 198 25.52 13.12 -10.58
C SER B 198 25.98 12.30 -11.78
N LYS B 199 26.22 11.01 -11.54
CA LYS B 199 26.66 10.11 -12.60
C LYS B 199 25.48 9.27 -13.11
N HIS B 200 24.31 9.48 -12.52
CA HIS B 200 23.12 8.71 -12.90
C HIS B 200 22.76 8.74 -14.38
N MET B 201 22.60 9.92 -14.95
CA MET B 201 22.23 10.03 -16.36
C MET B 201 23.21 9.32 -17.27
N SER B 202 24.50 9.47 -16.98
CA SER B 202 25.53 8.81 -17.79
C SER B 202 25.47 7.30 -17.62
N LEU B 203 25.25 6.84 -16.39
CA LEU B 203 25.16 5.39 -16.18
C LEU B 203 24.03 4.82 -17.00
N LEU B 204 22.85 5.40 -16.82
CA LEU B 204 21.66 4.94 -17.53
C LEU B 204 21.90 4.89 -19.03
N ALA B 205 22.25 6.04 -19.60
CA ALA B 205 22.50 6.15 -21.04
C ALA B 205 23.38 5.02 -21.54
N ASP B 206 24.39 4.68 -20.74
CA ASP B 206 25.32 3.63 -21.11
C ASP B 206 24.76 2.24 -20.84
N LEU B 207 23.83 2.13 -19.89
CA LEU B 207 23.24 0.84 -19.59
C LEU B 207 22.29 0.42 -20.70
N LYS B 208 21.70 1.41 -21.37
CA LYS B 208 20.78 1.17 -22.46
C LYS B 208 21.54 0.60 -23.65
N THR B 209 22.65 1.25 -23.98
CA THR B 209 23.50 0.80 -25.08
C THR B 209 23.80 -0.66 -24.80
N MET B 210 24.26 -0.92 -23.59
CA MET B 210 24.57 -2.27 -23.14
C MET B 210 23.45 -3.20 -23.59
N VAL B 211 22.26 -2.95 -23.08
CA VAL B 211 21.09 -3.77 -23.40
C VAL B 211 20.88 -3.97 -24.90
N GLU B 212 21.03 -2.89 -25.66
CA GLU B 212 20.86 -2.94 -27.11
C GLU B 212 21.70 -4.01 -27.81
N THR B 213 22.83 -4.38 -27.22
CA THR B 213 23.71 -5.35 -27.84
C THR B 213 23.94 -6.61 -27.02
N LYS B 214 23.09 -6.85 -26.03
CA LYS B 214 23.25 -8.04 -25.20
C LYS B 214 23.11 -9.32 -26.02
N LYS B 215 23.73 -10.39 -25.53
CA LYS B 215 23.68 -11.69 -26.19
C LYS B 215 23.43 -12.70 -25.09
N VAL B 216 22.99 -13.90 -25.45
CA VAL B 216 22.73 -14.93 -24.45
C VAL B 216 23.43 -16.26 -24.69
N THR B 217 23.28 -17.16 -23.72
CA THR B 217 23.85 -18.49 -23.80
C THR B 217 22.77 -19.41 -24.38
N SER B 218 23.13 -20.68 -24.60
CA SER B 218 22.18 -21.64 -25.14
C SER B 218 20.98 -21.79 -24.20
N SER B 219 21.08 -21.21 -23.01
CA SER B 219 20.01 -21.29 -22.02
C SER B 219 19.32 -19.93 -21.81
N GLY B 220 19.60 -18.97 -22.68
CA GLY B 220 18.99 -17.65 -22.57
C GLY B 220 19.60 -16.75 -21.51
N VAL B 221 20.71 -17.18 -20.92
CA VAL B 221 21.39 -16.40 -19.89
C VAL B 221 22.29 -15.33 -20.52
N LEU B 222 22.33 -14.15 -19.91
CA LEU B 222 23.16 -13.06 -20.44
C LEU B 222 24.61 -13.50 -20.63
N LEU B 223 25.25 -12.92 -21.64
CA LEU B 223 26.64 -13.27 -21.94
C LEU B 223 27.49 -11.99 -22.01
N LEU B 224 28.36 -11.81 -21.01
CA LEU B 224 29.25 -10.66 -20.93
C LEU B 224 30.68 -11.19 -21.00
N ASP B 225 31.32 -11.00 -22.15
CA ASP B 225 32.67 -11.52 -22.37
C ASP B 225 33.85 -10.71 -21.86
N ASN B 226 33.78 -9.39 -21.93
CA ASN B 226 34.89 -8.55 -21.48
C ASN B 226 34.64 -7.91 -20.12
N TYR B 227 35.71 -7.38 -19.54
CA TYR B 227 35.65 -6.71 -18.24
C TYR B 227 34.78 -5.46 -18.32
N THR B 228 35.02 -4.63 -19.32
CA THR B 228 34.27 -3.40 -19.51
C THR B 228 32.77 -3.62 -19.36
N ASP B 229 32.24 -4.63 -20.03
CA ASP B 229 30.82 -4.93 -19.96
C ASP B 229 30.42 -5.47 -18.60
N ARG B 230 31.27 -6.30 -18.03
CA ARG B 230 30.98 -6.86 -16.73
C ARG B 230 30.90 -5.78 -15.65
N ILE B 231 31.88 -4.89 -15.59
CA ILE B 231 31.86 -3.85 -14.56
C ILE B 231 30.74 -2.83 -14.83
N GLN B 232 30.41 -2.63 -16.10
CA GLN B 232 29.34 -1.70 -16.43
C GLN B 232 28.01 -2.20 -15.87
N VAL B 233 27.82 -3.51 -15.91
CA VAL B 233 26.59 -4.10 -15.38
C VAL B 233 26.62 -4.14 -13.86
N LEU B 234 27.77 -4.50 -13.30
CA LEU B 234 27.94 -4.55 -11.86
C LEU B 234 27.72 -3.15 -11.28
N ARG B 235 28.28 -2.17 -11.98
CA ARG B 235 28.18 -0.77 -11.63
C ARG B 235 26.71 -0.38 -11.54
N ASN B 236 25.95 -0.68 -12.60
CA ASN B 236 24.53 -0.35 -12.64
C ASN B 236 23.75 -1.18 -11.64
N MET B 237 24.20 -2.41 -11.42
CA MET B 237 23.52 -3.29 -10.47
C MET B 237 23.51 -2.67 -9.09
N VAL B 238 24.68 -2.22 -8.65
CA VAL B 238 24.83 -1.61 -7.34
C VAL B 238 23.97 -0.36 -7.26
N HIS B 239 23.95 0.41 -8.34
CA HIS B 239 23.15 1.63 -8.42
C HIS B 239 21.66 1.34 -8.29
N CYS B 240 21.18 0.27 -8.93
CA CYS B 240 19.76 -0.11 -8.84
C CYS B 240 19.44 -0.56 -7.42
N ALA B 241 20.38 -1.28 -6.82
CA ALA B 241 20.20 -1.75 -5.45
C ALA B 241 20.12 -0.54 -4.52
N ASP B 242 20.94 0.46 -4.82
CA ASP B 242 20.96 1.67 -4.01
C ASP B 242 19.62 2.38 -4.12
N LEU B 243 19.03 2.37 -5.31
CA LEU B 243 17.73 3.01 -5.55
C LEU B 243 16.63 1.96 -5.64
N SER B 244 16.67 0.96 -4.77
CA SER B 244 15.67 -0.10 -4.80
C SER B 244 14.51 0.08 -3.83
N ASN B 245 14.63 1.02 -2.90
CA ASN B 245 13.56 1.29 -1.91
C ASN B 245 12.15 1.27 -2.49
N PRO B 246 11.92 2.01 -3.60
CA PRO B 246 10.59 2.04 -4.20
C PRO B 246 10.15 0.73 -4.86
N THR B 247 11.08 -0.20 -5.05
CA THR B 247 10.71 -1.46 -5.68
C THR B 247 10.36 -2.51 -4.65
N LYS B 248 10.41 -2.14 -3.37
CA LYS B 248 10.10 -3.07 -2.29
C LYS B 248 8.62 -2.97 -1.91
N SER B 249 8.15 -3.88 -1.07
CA SER B 249 6.76 -3.86 -0.65
C SER B 249 6.45 -2.47 -0.09
N LEU B 250 5.22 -2.01 -0.26
CA LEU B 250 4.82 -0.69 0.20
C LEU B 250 5.22 -0.44 1.65
N GLU B 251 5.00 -1.44 2.50
CA GLU B 251 5.32 -1.36 3.92
C GLU B 251 6.79 -0.99 4.16
N LEU B 252 7.69 -1.55 3.36
CA LEU B 252 9.11 -1.25 3.52
C LEU B 252 9.42 0.11 2.91
N TYR B 253 8.89 0.35 1.71
CA TYR B 253 9.11 1.59 1.00
C TYR B 253 8.67 2.80 1.83
N ARG B 254 7.54 2.68 2.52
CA ARG B 254 7.06 3.78 3.33
C ARG B 254 8.02 4.05 4.48
N GLN B 255 8.64 2.99 4.98
CA GLN B 255 9.58 3.12 6.08
C GLN B 255 10.86 3.81 5.60
N TRP B 256 11.29 3.47 4.40
CA TRP B 256 12.48 4.09 3.83
C TRP B 256 12.22 5.57 3.55
N THR B 257 11.06 5.89 2.99
CA THR B 257 10.71 7.29 2.68
C THR B 257 10.67 8.17 3.93
N ASP B 258 10.17 7.63 5.03
CA ASP B 258 10.12 8.40 6.25
C ASP B 258 11.54 8.78 6.68
N ARG B 259 12.47 7.84 6.49
CA ARG B 259 13.86 8.09 6.86
C ARG B 259 14.51 9.07 5.90
N ILE B 260 14.27 8.89 4.61
CA ILE B 260 14.82 9.80 3.62
C ILE B 260 14.38 11.22 3.96
N MET B 261 13.07 11.39 4.11
CA MET B 261 12.51 12.70 4.42
C MET B 261 13.04 13.28 5.72
N GLU B 262 13.12 12.45 6.76
CA GLU B 262 13.63 12.92 8.03
C GLU B 262 15.07 13.40 7.88
N GLU B 263 15.85 12.73 7.04
CA GLU B 263 17.23 13.14 6.84
C GLU B 263 17.26 14.45 6.05
N PHE B 264 16.34 14.60 5.11
CA PHE B 264 16.26 15.85 4.34
C PHE B 264 16.03 16.99 5.31
N PHE B 265 15.03 16.81 6.18
CA PHE B 265 14.70 17.83 7.15
C PHE B 265 15.84 18.08 8.14
N GLN B 266 16.65 17.05 8.39
CA GLN B 266 17.78 17.22 9.30
C GLN B 266 18.76 18.20 8.66
N GLN B 267 18.98 18.06 7.35
CA GLN B 267 19.90 18.95 6.64
C GLN B 267 19.29 20.34 6.61
N GLY B 268 17.98 20.39 6.41
CA GLY B 268 17.28 21.67 6.36
C GLY B 268 17.48 22.43 7.65
N ASP B 269 17.33 21.74 8.78
CA ASP B 269 17.50 22.36 10.08
C ASP B 269 18.92 22.87 10.23
N LYS B 270 19.89 22.07 9.77
CA LYS B 270 21.29 22.44 9.87
C LYS B 270 21.56 23.72 9.07
N GLU B 271 21.03 23.79 7.86
CA GLU B 271 21.22 24.96 7.01
C GLU B 271 20.57 26.17 7.69
N ARG B 272 19.40 25.95 8.29
CA ARG B 272 18.70 27.02 9.00
C ARG B 272 19.53 27.46 10.20
N GLU B 273 19.99 26.49 10.98
CA GLU B 273 20.80 26.77 12.16
C GLU B 273 22.08 27.52 11.80
N ARG B 274 22.58 27.30 10.59
CA ARG B 274 23.82 27.96 10.19
C ARG B 274 23.63 29.18 9.30
N GLY B 275 22.39 29.66 9.19
CA GLY B 275 22.11 30.82 8.39
C GLY B 275 22.24 30.58 6.89
N MET B 276 21.88 29.38 6.47
CA MET B 276 21.95 29.02 5.06
C MET B 276 20.52 28.95 4.52
N GLU B 277 20.35 29.19 3.23
CA GLU B 277 19.02 29.12 2.63
C GLU B 277 18.66 27.64 2.57
N ILE B 278 17.46 27.30 3.05
CA ILE B 278 17.01 25.91 3.07
C ILE B 278 16.95 25.27 1.68
N SER B 279 17.61 24.12 1.55
CA SER B 279 17.65 23.38 0.28
C SER B 279 16.26 22.87 -0.10
N PRO B 280 16.08 22.45 -1.37
CA PRO B 280 14.80 21.92 -1.83
C PRO B 280 14.44 20.62 -1.13
N MET B 281 13.17 20.48 -0.74
CA MET B 281 12.69 19.28 -0.07
C MET B 281 13.26 19.14 1.34
N CYS B 282 14.09 20.10 1.75
CA CYS B 282 14.69 20.06 3.08
C CYS B 282 13.92 20.92 4.07
N ASP B 283 12.88 21.60 3.59
CA ASP B 283 12.05 22.44 4.44
C ASP B 283 10.90 21.58 4.96
N LYS B 284 10.88 21.35 6.27
CA LYS B 284 9.88 20.52 6.91
C LYS B 284 8.43 20.97 6.70
N HIS B 285 8.21 22.22 6.32
CA HIS B 285 6.85 22.70 6.11
C HIS B 285 6.54 23.17 4.69
N THR B 286 7.42 22.83 3.75
CA THR B 286 7.24 23.19 2.35
C THR B 286 7.34 21.92 1.51
N ALA B 287 8.31 21.08 1.84
CA ALA B 287 8.55 19.84 1.11
C ALA B 287 7.34 18.90 1.13
N SER B 288 7.05 18.33 -0.04
CA SER B 288 5.95 17.38 -0.18
C SER B 288 6.55 16.00 -0.39
N VAL B 289 6.47 15.15 0.62
CA VAL B 289 7.01 13.81 0.53
C VAL B 289 6.43 13.05 -0.66
N GLU B 290 5.13 13.21 -0.89
CA GLU B 290 4.47 12.53 -2.01
C GLU B 290 4.94 13.04 -3.37
N LYS B 291 5.05 14.36 -3.50
CA LYS B 291 5.50 14.94 -4.76
C LYS B 291 6.95 14.54 -5.05
N SER B 292 7.76 14.47 -4.00
CA SER B 292 9.16 14.10 -4.16
C SER B 292 9.30 12.67 -4.67
N GLN B 293 8.61 11.74 -4.00
CA GLN B 293 8.68 10.34 -4.37
C GLN B 293 8.25 10.07 -5.81
N VAL B 294 7.09 10.57 -6.19
CA VAL B 294 6.60 10.37 -7.55
C VAL B 294 7.56 11.00 -8.54
N GLY B 295 8.07 12.18 -8.22
CA GLY B 295 9.02 12.83 -9.09
C GLY B 295 10.29 12.02 -9.17
N PHE B 296 10.73 11.53 -8.01
CA PHE B 296 11.93 10.72 -7.94
C PHE B 296 11.76 9.42 -8.74
N ILE B 297 10.58 8.82 -8.64
CA ILE B 297 10.32 7.58 -9.37
C ILE B 297 10.25 7.80 -10.87
N ASP B 298 9.45 8.77 -11.29
CA ASP B 298 9.29 9.05 -12.71
C ASP B 298 10.58 9.44 -13.44
N TYR B 299 11.33 10.38 -12.88
CA TYR B 299 12.55 10.86 -13.52
C TYR B 299 13.84 10.10 -13.22
N ILE B 300 13.84 9.25 -12.19
CA ILE B 300 15.05 8.52 -11.84
C ILE B 300 14.89 7.00 -11.69
N VAL B 301 14.17 6.60 -10.65
CA VAL B 301 13.98 5.19 -10.33
C VAL B 301 13.36 4.34 -11.43
N HIS B 302 12.22 4.77 -11.96
CA HIS B 302 11.56 3.99 -13.00
C HIS B 302 12.38 3.88 -14.27
N PRO B 303 12.93 5.00 -14.78
CA PRO B 303 13.73 4.94 -16.01
C PRO B 303 14.91 3.99 -15.86
N LEU B 304 15.44 3.89 -14.66
CA LEU B 304 16.58 3.04 -14.37
C LEU B 304 16.17 1.58 -14.31
N TRP B 305 15.19 1.28 -13.48
CA TRP B 305 14.73 -0.09 -13.34
C TRP B 305 14.09 -0.65 -14.59
N GLU B 306 13.54 0.22 -15.42
CA GLU B 306 12.93 -0.21 -16.65
C GLU B 306 14.02 -0.66 -17.61
N THR B 307 15.18 -0.02 -17.53
CA THR B 307 16.31 -0.37 -18.38
C THR B 307 16.96 -1.64 -17.85
N TRP B 308 17.01 -1.78 -16.53
CA TRP B 308 17.60 -2.97 -15.92
C TRP B 308 16.69 -4.16 -16.22
N ALA B 309 15.39 -3.96 -16.02
CA ALA B 309 14.40 -5.01 -16.27
C ALA B 309 14.54 -5.47 -17.71
N ASP B 310 14.85 -4.52 -18.59
CA ASP B 310 15.03 -4.79 -20.00
C ASP B 310 16.20 -5.74 -20.17
N LEU B 311 17.33 -5.38 -19.56
CA LEU B 311 18.57 -6.15 -19.63
C LEU B 311 18.41 -7.62 -19.20
N VAL B 312 17.73 -7.84 -18.09
CA VAL B 312 17.55 -9.20 -17.59
C VAL B 312 16.11 -9.71 -17.72
N GLN B 313 15.38 -9.20 -18.70
CA GLN B 313 13.99 -9.62 -18.88
C GLN B 313 13.83 -11.15 -19.00
N PRO B 314 12.78 -11.71 -18.38
CA PRO B 314 11.72 -11.05 -17.61
C PRO B 314 11.96 -11.05 -16.11
N ASP B 315 13.19 -11.35 -15.72
CA ASP B 315 13.56 -11.44 -14.31
C ASP B 315 12.98 -10.38 -13.35
N ALA B 316 12.97 -9.12 -13.74
CA ALA B 316 12.48 -8.06 -12.86
C ALA B 316 11.09 -7.50 -13.19
N GLN B 317 10.21 -8.33 -13.73
CA GLN B 317 8.88 -7.86 -14.08
C GLN B 317 8.06 -7.51 -12.84
N ASP B 318 8.16 -8.35 -11.82
CA ASP B 318 7.42 -8.10 -10.58
C ASP B 318 7.95 -6.89 -9.85
N ILE B 319 9.22 -6.56 -10.08
CA ILE B 319 9.82 -5.39 -9.45
C ILE B 319 9.16 -4.14 -10.02
N LEU B 320 9.05 -4.09 -11.35
CA LEU B 320 8.43 -2.95 -12.00
C LEU B 320 6.97 -2.82 -11.58
N ASP B 321 6.26 -3.95 -11.50
CA ASP B 321 4.86 -3.92 -11.09
C ASP B 321 4.74 -3.28 -9.71
N THR B 322 5.60 -3.71 -8.80
CA THR B 322 5.60 -3.17 -7.44
C THR B 322 5.92 -1.68 -7.49
N LEU B 323 6.94 -1.33 -8.26
CA LEU B 323 7.36 0.05 -8.40
C LEU B 323 6.19 0.93 -8.85
N GLU B 324 5.39 0.42 -9.77
CA GLU B 324 4.25 1.19 -10.26
C GLU B 324 3.15 1.36 -9.22
N ASP B 325 2.82 0.29 -8.50
CA ASP B 325 1.78 0.40 -7.47
C ASP B 325 2.21 1.42 -6.41
N ASN B 326 3.46 1.31 -5.96
CA ASN B 326 3.99 2.23 -4.96
C ASN B 326 3.94 3.65 -5.50
N ARG B 327 4.30 3.80 -6.77
CA ARG B 327 4.29 5.08 -7.43
C ARG B 327 2.87 5.66 -7.33
N ASN B 328 1.88 4.84 -7.64
CA ASN B 328 0.49 5.29 -7.58
C ASN B 328 0.03 5.58 -6.15
N TRP B 329 0.64 4.92 -5.17
CA TRP B 329 0.24 5.14 -3.79
C TRP B 329 0.52 6.58 -3.34
N TYR B 330 1.70 7.10 -3.71
CA TYR B 330 2.03 8.48 -3.34
C TYR B 330 1.31 9.47 -4.25
N GLN B 331 1.11 9.08 -5.51
CA GLN B 331 0.43 9.92 -6.48
C GLN B 331 -0.95 10.33 -5.96
N SER B 332 -1.63 9.41 -5.29
CA SER B 332 -2.95 9.64 -4.73
C SER B 332 -2.93 10.74 -3.69
N MET B 333 -1.75 11.05 -3.16
CA MET B 333 -1.64 12.07 -2.14
C MET B 333 -1.36 13.44 -2.75
N ILE B 334 -1.14 13.46 -4.05
CA ILE B 334 -0.89 14.70 -4.77
C ILE B 334 -2.22 15.29 -5.24
N PRO B 335 -2.61 16.45 -4.71
CA PRO B 335 -3.87 17.12 -5.08
C PRO B 335 -3.94 17.43 -6.57
N GLN B 336 -5.16 17.49 -7.09
CA GLN B 336 -5.41 17.76 -8.51
C GLN B 336 -4.31 17.26 -9.46
N ALA B 337 -3.23 18.03 -9.59
CA ALA B 337 -2.11 17.65 -10.46
C ALA B 337 -2.48 17.64 -11.94
N PRO B 338 -1.53 17.98 -12.82
CA PRO B 338 -1.74 18.01 -14.27
C PRO B 338 -2.43 16.76 -14.81
ZN ZN C . -25.26 3.92 0.59
ZN ZN D . -28.71 5.89 1.32
P 8BR E . -24.54 7.44 2.01
O1P 8BR E . -23.22 6.78 2.24
O2P 8BR E . -24.57 8.13 0.71
O3P 8BR E . -25.56 6.45 2.02
O5' 8BR E . -24.86 8.53 3.11
C5' 8BR E . -23.76 9.23 3.74
C4' 8BR E . -23.92 10.74 3.56
O4' 8BR E . -22.72 11.36 4.04
C3' 8BR E . -23.92 11.11 2.09
O3' 8BR E . -25.25 10.97 1.60
C2' 8BR E . -23.44 12.54 2.11
O2' 8BR E . -24.51 13.40 2.45
C1' 8BR E . -22.40 12.50 3.24
N9 8BR E . -20.96 12.44 2.80
C8 8BR E . -20.04 13.45 2.70
BR8 8BR E . -20.37 15.28 3.12
N7 8BR E . -18.83 13.03 2.27
C5 8BR E . -18.93 11.67 2.05
C6 8BR E . -18.07 10.64 1.62
N6 8BR E . -16.79 10.90 1.29
N1 8BR E . -18.50 9.33 1.53
C2 8BR E . -19.80 9.04 1.86
N3 8BR E . -20.71 9.97 2.29
C4 8BR E . -20.27 11.28 2.39
ZN ZN F . 23.21 4.53 -0.63
ZN ZN G . 25.54 7.70 -1.52
P 8BR H . 21.43 7.32 -2.07
O1P 8BR H . 21.58 6.71 -3.42
O2P 8BR H . 20.86 6.36 -1.08
O3P 8BR H . 22.73 7.72 -1.62
O5' 8BR H . 20.49 8.56 -2.15
C5' 8BR H . 20.51 9.43 -3.30
C4' 8BR H . 19.40 10.48 -3.18
O4' 8BR H . 18.15 9.94 -3.56
C3' 8BR H . 19.14 10.86 -1.73
O3' 8BR H . 20.20 11.69 -1.28
C2' 8BR H . 17.81 11.57 -1.84
O2' 8BR H . 18.03 12.95 -2.11
C1' 8BR H . 17.16 10.84 -3.05
N9 8BR H . 15.87 10.13 -2.76
C8 8BR H . 14.58 10.60 -2.81
BR8 8BR H . 14.11 12.35 -3.32
N7 8BR H . 13.66 9.69 -2.48
C5 8BR H . 14.33 8.53 -2.17
C6 8BR H . 13.98 7.25 -1.76
N6 8BR H . 12.71 6.89 -1.58
N1 8BR H . 14.94 6.28 -1.53
C2 8BR H . 16.26 6.60 -1.71
N3 8BR H . 16.70 7.83 -2.10
C4 8BR H . 15.74 8.79 -2.34
#